data_9MFP
#
_entry.id   9MFP
#
_cell.length_a   86.470
_cell.length_b   86.470
_cell.length_c   351.170
_cell.angle_alpha   90.00
_cell.angle_beta   90.00
_cell.angle_gamma   90.00
#
_symmetry.space_group_name_H-M   'P 43 21 2'
#
loop_
_entity.id
_entity.type
_entity.pdbx_description
1 polymer 'RNA helicase'
2 non-polymer 1-ethyl-N-[3-(methanesulfonamido)phenyl]-5-methyl-1H-pyrazole-3-carboxamide
3 non-polymer "ADENOSINE-5'-DIPHOSPHATE"
4 non-polymer 'MAGNESIUM ION'
5 non-polymer 'SULFATE ION'
6 non-polymer 1,2-ETHANEDIOL
7 water water
#
_entity_poly.entity_id   1
_entity_poly.type   'polypeptide(L)'
_entity_poly.pdbx_seq_one_letter_code
;MSRKEEQEVQATLESEEVDLNAGLHGNWTLENAKARLNQYFQKEKIQGEYKYTQVGPDHNRSFIAEMTIYIKQLGRRIFA
REHGSNKKLAAQSCALSLVRQLYHLGVIEAYSGLTKKKEGETVEPYKVNLSQDLEHQLQNVIQELNLEIVPPPEDPFLPV
VLNLGKLAHFEPSQRQNQIGVVPWSPPQSNWNPWTSSNIDEGPLAYATPEQISMDLKNELMYQLEQDHDLQAILQERELL
PVKKFESEILEAISQNSVIIIRGATGCGKTTQVPQFILDDFIQNDRAAECNIVVTQPRRISAVSVAERVAYERGEEPGKS
CGYSVRFESVLPRPHASIMFCTVGVLLRKLEAGIRGISHVIVDEIHERDINTDFLLVVLRDVVQAYPEVRIVLMSATIDT
SMFCEYFFNCPIIEVYGRTYPVQEYFLEDCIQMTHFVPPPKDKKKKEKDDDGFEDDDANCNLICGDEYGPETRMSMAQLN
EKETPFELIEALLKYIETLNVPGAVLVFLPGWNLIYTMQKHLEMNPHFGSHRYQILPLHSQIPREEQRKVFDPVPSGVTK
VILSTNIAETSITINDVVYVIDSCKQKVKLFTAHNNMTNYATVWASKTNLEQRKGRAGRVRPGFCFHLCSRARFERLETH
MTPEMFRTPLHEIALSIKLLRLGGIGQFLAKAIEPPPLDAVIEAEHTLRELDALDANDELTPLGRILAKLPIEPRFGKMM
IMGCIFYVGDAVCTISAATCFPEPFISEGKRLGYVHRNFAGNRFSDHVALLSVFQAWDDARMGGEEAEIRFCEHKRLNMA
TLRMTWEAKVQLKEILINSGFPEDCLLTQVFTNTGPDNNLDVVISLLAFGVYPNVCYHKEKRKILTTEGRNALIHKSSVN
CPFSSQDMKYPSPFFVFGEKIRTRAISAKGMTLVTPLQLLLFASKKVQSDGQIVLVDDWIRLQISHEAAACITALRAAME
ALVVEVTKQPNIISQLDPVNEHMLNMIRQISRPSAAGINLMIDYKDDDDK
;
_entity_poly.pdbx_strand_id   A
#
loop_
_chem_comp.id
_chem_comp.type
_chem_comp.name
_chem_comp.formula
A1BK0 non-polymer 1-ethyl-N-[3-(methanesulfonamido)phenyl]-5-methyl-1H-pyrazole-3-carboxamide 'C14 H18 N4 O3 S'
ADP non-polymer ADENOSINE-5'-DIPHOSPHATE 'C10 H15 N5 O10 P2'
EDO non-polymer 1,2-ETHANEDIOL 'C2 H6 O2'
MG non-polymer 'MAGNESIUM ION' 'Mg 2'
SO4 non-polymer 'SULFATE ION' 'O4 S -2'
#
# COMPACT_ATOMS: atom_id res chain seq x y z
N THR A 122 16.44 29.98 12.89
CA THR A 122 16.51 31.42 13.25
C THR A 122 15.34 31.80 14.19
N VAL A 123 14.56 30.83 14.67
CA VAL A 123 13.30 31.06 15.45
C VAL A 123 13.63 31.13 16.95
N GLU A 124 13.08 32.13 17.64
CA GLU A 124 13.18 32.33 19.10
C GLU A 124 12.69 31.06 19.80
N PRO A 125 13.22 30.69 20.99
CA PRO A 125 12.64 29.60 21.77
C PRO A 125 11.15 29.85 22.01
N TYR A 126 10.31 28.84 21.85
CA TYR A 126 8.85 28.93 22.10
C TYR A 126 8.59 28.78 23.59
N LYS A 127 7.82 29.71 24.19
CA LYS A 127 7.50 29.70 25.64
C LYS A 127 6.36 28.72 25.91
N VAL A 128 6.58 27.72 26.75
CA VAL A 128 5.55 26.77 27.22
C VAL A 128 4.92 27.38 28.48
N ASN A 129 3.60 27.59 28.50
CA ASN A 129 2.86 28.06 29.70
C ASN A 129 2.46 26.83 30.52
N LEU A 130 3.25 26.52 31.55
CA LEU A 130 3.07 25.32 32.42
C LEU A 130 2.80 25.78 33.86
N SER A 131 1.61 25.49 34.40
CA SER A 131 1.17 25.96 35.75
C SER A 131 2.04 25.32 36.84
N GLN A 132 2.17 26.00 37.99
CA GLN A 132 2.98 25.56 39.16
C GLN A 132 2.46 24.22 39.66
N ASP A 133 1.13 24.08 39.81
CA ASP A 133 0.43 22.84 40.26
C ASP A 133 0.87 21.64 39.41
N LEU A 134 0.88 21.78 38.08
CA LEU A 134 1.22 20.67 37.13
C LEU A 134 2.72 20.38 37.24
N GLU A 135 3.56 21.41 37.33
CA GLU A 135 5.02 21.22 37.53
C GLU A 135 5.29 20.36 38.78
N HIS A 136 4.54 20.55 39.85
CA HIS A 136 4.74 19.85 41.14
C HIS A 136 4.13 18.44 41.05
N GLN A 137 2.94 18.29 40.46
CA GLN A 137 2.33 16.96 40.17
C GLN A 137 3.33 16.07 39.41
N LEU A 138 3.92 16.61 38.33
CA LEU A 138 4.94 15.89 37.54
C LEU A 138 6.08 15.45 38.45
N GLN A 139 6.58 16.37 39.27
CA GLN A 139 7.72 16.09 40.18
C GLN A 139 7.28 15.00 41.16
N ASN A 140 6.08 15.11 41.71
CA ASN A 140 5.54 14.14 42.69
C ASN A 140 5.47 12.74 42.05
N VAL A 141 4.90 12.62 40.84
CA VAL A 141 4.74 11.29 40.17
C VAL A 141 6.11 10.66 39.91
N ILE A 142 7.10 11.43 39.44
CA ILE A 142 8.47 10.92 39.18
C ILE A 142 9.10 10.44 40.51
N GLN A 143 8.89 11.18 41.60
CA GLN A 143 9.40 10.83 42.96
C GLN A 143 8.67 9.60 43.51
N GLU A 144 7.33 9.56 43.47
CA GLU A 144 6.51 8.45 44.03
C GLU A 144 6.90 7.14 43.33
N LEU A 145 7.27 7.19 42.04
CA LEU A 145 7.57 5.98 41.22
C LEU A 145 9.08 5.75 41.14
N ASN A 146 9.88 6.56 41.83
CA ASN A 146 11.36 6.40 41.96
C ASN A 146 12.00 6.38 40.56
N LEU A 147 11.47 7.16 39.62
CA LEU A 147 11.99 7.22 38.23
C LEU A 147 13.25 8.10 38.22
N GLU A 148 14.25 7.70 37.43
CA GLU A 148 15.55 8.41 37.34
C GLU A 148 15.38 9.65 36.47
N ILE A 149 15.91 10.80 36.93
CA ILE A 149 15.89 12.10 36.20
C ILE A 149 17.31 12.67 36.17
N VAL A 150 17.69 13.24 35.01
CA VAL A 150 18.96 13.99 34.82
C VAL A 150 18.82 15.34 35.52
N PRO A 151 19.70 15.65 36.50
CA PRO A 151 19.63 16.93 37.22
C PRO A 151 20.02 18.11 36.33
N PRO A 152 19.65 19.35 36.71
CA PRO A 152 20.00 20.54 35.93
C PRO A 152 21.50 20.69 35.85
N PRO A 153 22.04 21.29 34.76
CA PRO A 153 23.48 21.40 34.56
C PRO A 153 24.14 22.37 35.57
N GLU A 154 25.45 22.26 35.74
CA GLU A 154 26.27 23.11 36.67
C GLU A 154 26.49 24.48 36.03
N ASP A 155 26.97 24.51 34.78
CA ASP A 155 27.09 25.75 33.97
C ASP A 155 26.28 25.56 32.67
N PRO A 156 25.59 26.62 32.18
CA PRO A 156 24.73 26.52 30.99
C PRO A 156 25.41 26.01 29.71
N PHE A 157 26.67 26.36 29.49
CA PHE A 157 27.39 26.09 28.20
C PHE A 157 27.90 24.64 28.17
N LEU A 158 27.53 23.81 29.17
CA LEU A 158 27.59 22.33 29.09
C LEU A 158 26.17 21.79 29.33
N PRO A 159 25.32 21.73 28.27
CA PRO A 159 23.96 21.21 28.41
C PRO A 159 23.94 19.68 28.34
N VAL A 160 23.05 19.05 29.12
CA VAL A 160 22.95 17.56 29.26
C VAL A 160 21.70 17.04 28.55
N VAL A 161 21.81 15.86 27.90
CA VAL A 161 20.65 15.10 27.35
C VAL A 161 19.83 14.60 28.55
N LEU A 162 18.48 14.65 28.46
CA LEU A 162 17.53 14.18 29.51
C LEU A 162 17.20 12.69 29.34
N ASN A 163 17.51 12.12 28.16
CA ASN A 163 17.27 10.68 27.81
C ASN A 163 18.45 9.84 28.30
N LEU A 164 18.20 8.65 28.86
CA LEU A 164 19.23 7.71 29.39
C LEU A 164 19.30 6.46 28.50
N PRO A 172 16.30 -11.69 27.25
CA PRO A 172 17.05 -11.97 26.01
C PRO A 172 17.08 -13.48 25.66
N SER A 173 16.48 -13.85 24.52
CA SER A 173 16.35 -15.25 24.02
C SER A 173 17.65 -15.71 23.36
N GLN A 174 17.82 -17.03 23.21
CA GLN A 174 19.05 -17.69 22.66
C GLN A 174 18.98 -17.72 21.13
N ARG A 175 20.12 -17.50 20.49
CA ARG A 175 20.27 -17.37 19.01
C ARG A 175 20.10 -18.74 18.35
N ILE A 179 19.31 -21.35 10.47
CA ILE A 179 18.45 -21.27 9.24
C ILE A 179 17.28 -22.27 9.41
N GLY A 180 16.08 -21.89 8.95
CA GLY A 180 14.85 -22.71 8.99
C GLY A 180 14.20 -22.77 7.62
N VAL A 181 13.32 -23.75 7.43
CA VAL A 181 12.57 -23.98 6.15
C VAL A 181 11.08 -24.04 6.49
N VAL A 182 10.25 -23.33 5.74
CA VAL A 182 8.78 -23.42 5.88
C VAL A 182 8.38 -24.85 5.51
N PRO A 183 7.69 -25.59 6.41
CA PRO A 183 7.31 -26.96 6.13
C PRO A 183 6.20 -26.98 5.05
N TRP A 184 6.13 -28.05 4.26
CA TRP A 184 5.06 -28.30 3.26
C TRP A 184 4.35 -29.63 3.53
N SER A 185 3.06 -29.74 3.20
CA SER A 185 2.32 -31.03 3.19
C SER A 185 1.20 -31.02 2.16
N PRO A 186 0.97 -32.17 1.46
CA PRO A 186 -0.01 -32.22 0.37
C PRO A 186 -1.46 -32.11 0.86
N PRO A 187 -2.44 -31.84 -0.03
CA PRO A 187 -3.84 -31.77 0.37
C PRO A 187 -4.32 -33.07 1.04
N GLN A 188 -5.25 -32.94 1.98
CA GLN A 188 -5.95 -34.06 2.66
C GLN A 188 -7.46 -33.79 2.68
N SER A 189 -8.26 -34.85 2.51
CA SER A 189 -9.74 -34.81 2.31
C SER A 189 -10.42 -34.14 3.50
N ASN A 190 -9.90 -34.31 4.71
CA ASN A 190 -10.54 -33.80 5.95
C ASN A 190 -9.88 -32.49 6.41
N TRP A 191 -9.27 -31.73 5.50
CA TRP A 191 -8.49 -30.50 5.82
C TRP A 191 -8.92 -29.37 4.89
N ASN A 192 -9.21 -28.21 5.45
CA ASN A 192 -9.44 -26.96 4.69
C ASN A 192 -8.12 -26.18 4.70
N PRO A 193 -7.41 -26.11 3.56
CA PRO A 193 -6.10 -25.45 3.51
C PRO A 193 -6.23 -23.92 3.65
N TRP A 194 -7.43 -23.40 3.36
CA TRP A 194 -7.69 -21.94 3.31
C TRP A 194 -8.04 -21.39 4.71
N THR A 195 -8.80 -22.15 5.51
CA THR A 195 -9.10 -21.80 6.93
C THR A 195 -8.03 -22.36 7.87
N SER A 196 -7.16 -23.23 7.38
CA SER A 196 -6.10 -23.90 8.19
C SER A 196 -6.75 -24.65 9.35
N SER A 197 -7.77 -25.47 9.06
CA SER A 197 -8.58 -26.22 10.05
C SER A 197 -8.97 -27.59 9.51
N ASN A 198 -9.24 -28.50 10.46
CA ASN A 198 -9.89 -29.81 10.21
C ASN A 198 -11.34 -29.59 9.71
N ILE A 199 -11.79 -30.41 8.77
CA ILE A 199 -13.24 -30.56 8.45
C ILE A 199 -13.81 -31.59 9.45
N ASP A 200 -14.70 -31.14 10.35
CA ASP A 200 -15.25 -31.96 11.48
C ASP A 200 -16.76 -32.18 11.32
N GLU A 201 -17.51 -31.17 10.88
CA GLU A 201 -18.98 -31.26 10.66
C GLU A 201 -19.23 -31.63 9.20
N GLY A 202 -20.34 -32.34 8.91
CA GLY A 202 -20.84 -32.59 7.55
C GLY A 202 -20.11 -33.75 6.86
N PRO A 203 -20.55 -34.12 5.64
CA PRO A 203 -20.06 -35.33 4.95
C PRO A 203 -18.54 -35.34 4.67
N LEU A 204 -17.95 -34.17 4.42
CA LEU A 204 -16.57 -34.04 3.91
C LEU A 204 -15.57 -34.48 4.99
N ALA A 205 -15.98 -34.51 6.26
CA ALA A 205 -15.16 -35.00 7.40
C ALA A 205 -14.66 -36.42 7.12
N TYR A 206 -15.56 -37.34 6.74
CA TYR A 206 -15.27 -38.80 6.62
C TYR A 206 -15.22 -39.23 5.16
N ALA A 207 -15.87 -38.51 4.25
CA ALA A 207 -15.91 -38.84 2.80
C ALA A 207 -14.50 -39.12 2.30
N THR A 208 -14.34 -40.12 1.43
CA THR A 208 -13.01 -40.53 0.90
C THR A 208 -12.60 -39.60 -0.25
N PRO A 209 -11.29 -39.49 -0.52
CA PRO A 209 -10.80 -38.83 -1.72
C PRO A 209 -11.54 -39.26 -2.99
N GLU A 210 -11.95 -40.52 -3.06
CA GLU A 210 -12.62 -41.12 -4.26
C GLU A 210 -14.03 -40.54 -4.38
N GLN A 211 -14.79 -40.51 -3.28
CA GLN A 211 -16.16 -39.94 -3.26
C GLN A 211 -16.10 -38.49 -3.77
N ILE A 212 -15.27 -37.67 -3.10
CA ILE A 212 -15.13 -36.20 -3.34
C ILE A 212 -14.81 -35.97 -4.82
N SER A 213 -13.87 -36.73 -5.37
CA SER A 213 -13.39 -36.56 -6.76
C SER A 213 -14.48 -36.84 -7.79
N MET A 214 -15.27 -37.91 -7.61
CA MET A 214 -16.28 -38.30 -8.64
C MET A 214 -17.45 -37.32 -8.56
N ASP A 215 -17.82 -36.89 -7.35
CA ASP A 215 -18.91 -35.90 -7.12
C ASP A 215 -18.58 -34.60 -7.88
N LEU A 216 -17.36 -34.08 -7.72
CA LEU A 216 -16.92 -32.82 -8.37
C LEU A 216 -16.82 -33.02 -9.88
N LYS A 217 -16.29 -34.15 -10.34
CA LYS A 217 -16.26 -34.50 -11.79
C LYS A 217 -17.68 -34.55 -12.36
N ASN A 218 -18.59 -35.28 -11.72
CA ASN A 218 -20.00 -35.44 -12.20
C ASN A 218 -20.68 -34.08 -12.28
N GLU A 219 -20.57 -33.30 -11.20
CA GLU A 219 -21.14 -31.93 -11.07
C GLU A 219 -20.65 -31.06 -12.23
N LEU A 220 -19.34 -31.13 -12.54
CA LEU A 220 -18.72 -30.34 -13.63
C LEU A 220 -19.27 -30.81 -14.98
N MET A 221 -19.25 -32.11 -15.24
CA MET A 221 -19.78 -32.71 -16.51
C MET A 221 -21.23 -32.24 -16.74
N TYR A 222 -22.09 -32.33 -15.72
CA TYR A 222 -23.52 -31.91 -15.79
C TYR A 222 -23.62 -30.42 -16.14
N GLN A 223 -22.84 -29.56 -15.47
CA GLN A 223 -22.89 -28.08 -15.66
C GLN A 223 -22.60 -27.76 -17.13
N LEU A 224 -21.58 -28.41 -17.71
CA LEU A 224 -21.12 -28.20 -19.13
C LEU A 224 -22.16 -28.70 -20.13
N GLU A 225 -22.88 -29.80 -19.84
CA GLU A 225 -24.03 -30.32 -20.63
C GLU A 225 -25.17 -29.29 -20.71
N GLN A 226 -25.50 -28.64 -19.57
CA GLN A 226 -26.76 -27.90 -19.39
C GLN A 226 -26.63 -26.41 -19.76
N ASP A 227 -25.42 -25.84 -19.70
CA ASP A 227 -25.23 -24.37 -19.68
C ASP A 227 -24.65 -23.88 -21.01
N HIS A 228 -25.51 -23.41 -21.92
CA HIS A 228 -25.12 -22.95 -23.28
C HIS A 228 -24.30 -21.65 -23.22
N ASP A 229 -24.56 -20.79 -22.22
CA ASP A 229 -23.75 -19.56 -22.01
C ASP A 229 -22.33 -19.97 -21.58
N LEU A 230 -22.19 -20.93 -20.66
CA LEU A 230 -20.88 -21.49 -20.23
C LEU A 230 -20.17 -22.12 -21.42
N GLN A 231 -20.89 -22.92 -22.23
CA GLN A 231 -20.31 -23.59 -23.42
C GLN A 231 -19.66 -22.53 -24.30
N ALA A 232 -20.32 -21.38 -24.49
CA ALA A 232 -19.82 -20.28 -25.35
C ALA A 232 -18.59 -19.61 -24.69
N ILE A 233 -18.55 -19.50 -23.35
CA ILE A 233 -17.39 -18.98 -22.57
C ILE A 233 -16.19 -19.93 -22.78
N LEU A 234 -16.38 -21.23 -22.61
CA LEU A 234 -15.33 -22.26 -22.87
C LEU A 234 -14.81 -22.15 -24.31
N GLN A 235 -15.66 -21.81 -25.28
CA GLN A 235 -15.22 -21.76 -26.71
C GLN A 235 -14.25 -20.60 -26.92
N GLU A 236 -14.49 -19.45 -26.29
CA GLU A 236 -13.56 -18.28 -26.24
C GLU A 236 -12.23 -18.69 -25.58
N ARG A 237 -12.28 -19.46 -24.49
CA ARG A 237 -11.09 -19.94 -23.75
C ARG A 237 -10.21 -20.69 -24.74
N GLU A 238 -10.82 -21.56 -25.53
CA GLU A 238 -10.09 -22.57 -26.34
C GLU A 238 -9.37 -21.86 -27.50
N LEU A 239 -9.67 -20.59 -27.76
CA LEU A 239 -9.01 -19.78 -28.82
C LEU A 239 -7.85 -18.93 -28.26
N LEU A 240 -7.65 -18.86 -26.94
CA LEU A 240 -6.53 -18.08 -26.36
C LEU A 240 -5.21 -18.73 -26.76
N PRO A 241 -4.16 -17.93 -27.08
CA PRO A 241 -2.88 -18.47 -27.54
C PRO A 241 -2.31 -19.57 -26.65
N VAL A 242 -2.54 -19.51 -25.34
CA VAL A 242 -1.94 -20.49 -24.40
C VAL A 242 -2.57 -21.88 -24.60
N LYS A 243 -3.77 -21.95 -25.19
CA LYS A 243 -4.55 -23.22 -25.28
C LYS A 243 -3.76 -24.33 -25.99
N LYS A 244 -3.06 -24.00 -27.06
CA LYS A 244 -2.31 -25.00 -27.88
C LYS A 244 -1.14 -25.61 -27.08
N PHE A 245 -0.73 -25.01 -25.94
CA PHE A 245 0.42 -25.49 -25.12
C PHE A 245 -0.06 -26.27 -23.91
N GLU A 246 -1.38 -26.46 -23.75
CA GLU A 246 -1.98 -27.08 -22.54
C GLU A 246 -1.20 -28.35 -22.17
N SER A 247 -1.07 -29.29 -23.11
CA SER A 247 -0.48 -30.64 -22.91
C SER A 247 0.96 -30.54 -22.43
N GLU A 248 1.75 -29.71 -23.11
CA GLU A 248 3.17 -29.44 -22.81
C GLU A 248 3.29 -28.87 -21.38
N ILE A 249 2.45 -27.88 -21.02
CA ILE A 249 2.49 -27.22 -19.66
C ILE A 249 2.24 -28.28 -18.60
N LEU A 250 1.23 -29.14 -18.79
CA LEU A 250 0.82 -30.15 -17.78
C LEU A 250 1.90 -31.23 -17.64
N GLU A 251 2.53 -31.60 -18.75
CA GLU A 251 3.61 -32.63 -18.78
C GLU A 251 4.82 -32.07 -18.03
N ALA A 252 5.22 -30.84 -18.37
CA ALA A 252 6.32 -30.11 -17.72
C ALA A 252 6.05 -30.00 -16.21
N ILE A 253 4.84 -29.63 -15.77
CA ILE A 253 4.55 -29.49 -14.30
C ILE A 253 4.61 -30.87 -13.63
N SER A 254 4.05 -31.91 -14.26
CA SER A 254 4.00 -33.26 -13.64
C SER A 254 5.41 -33.79 -13.39
N GLN A 255 6.39 -33.46 -14.22
CA GLN A 255 7.74 -34.10 -14.22
C GLN A 255 8.79 -33.22 -13.51
N ASN A 256 8.45 -31.98 -13.13
CA ASN A 256 9.42 -31.05 -12.51
C ASN A 256 8.80 -30.31 -11.31
N SER A 257 9.52 -30.35 -10.18
CA SER A 257 9.32 -29.52 -8.97
C SER A 257 9.08 -28.05 -9.33
N VAL A 258 9.79 -27.52 -10.32
CA VAL A 258 9.72 -26.08 -10.67
C VAL A 258 9.75 -25.93 -12.19
N ILE A 259 8.85 -25.11 -12.73
CA ILE A 259 8.94 -24.63 -14.14
C ILE A 259 8.73 -23.12 -14.19
N ILE A 260 9.11 -22.55 -15.32
CA ILE A 260 8.80 -21.17 -15.74
C ILE A 260 7.91 -21.27 -16.98
N ILE A 261 6.87 -20.46 -17.02
CA ILE A 261 6.06 -20.29 -18.25
C ILE A 261 6.26 -18.85 -18.71
N ARG A 262 6.71 -18.71 -19.95
CA ARG A 262 7.16 -17.43 -20.52
C ARG A 262 6.35 -17.16 -21.79
N GLY A 263 5.78 -15.98 -21.92
CA GLY A 263 5.11 -15.57 -23.18
C GLY A 263 4.59 -14.16 -23.13
N ALA A 264 4.24 -13.61 -24.29
CA ALA A 264 3.69 -12.24 -24.41
C ALA A 264 2.53 -12.07 -23.42
N THR A 265 2.32 -10.85 -22.95
CA THR A 265 1.11 -10.48 -22.19
C THR A 265 -0.11 -10.65 -23.10
N GLY A 266 -1.14 -11.34 -22.60
CA GLY A 266 -2.40 -11.57 -23.32
C GLY A 266 -2.53 -12.99 -23.85
N CYS A 267 -1.51 -13.84 -23.67
CA CYS A 267 -1.54 -15.25 -24.16
C CYS A 267 -2.57 -16.07 -23.36
N GLY A 268 -2.79 -15.75 -22.09
CA GLY A 268 -3.70 -16.49 -21.18
C GLY A 268 -2.98 -17.22 -20.05
N LYS A 269 -1.74 -16.86 -19.70
CA LYS A 269 -1.01 -17.55 -18.60
C LYS A 269 -1.81 -17.39 -17.29
N THR A 270 -2.20 -16.17 -16.93
CA THR A 270 -2.78 -15.86 -15.59
C THR A 270 -4.15 -16.54 -15.42
N THR A 271 -5.05 -16.37 -16.39
CA THR A 271 -6.45 -16.87 -16.30
C THR A 271 -6.52 -18.36 -16.62
N GLN A 272 -5.69 -18.89 -17.51
CA GLN A 272 -5.88 -20.27 -18.05
C GLN A 272 -5.08 -21.32 -17.28
N VAL A 273 -3.84 -21.04 -16.87
CA VAL A 273 -2.92 -22.12 -16.39
C VAL A 273 -3.42 -22.73 -15.08
N PRO A 274 -3.93 -21.96 -14.10
CA PRO A 274 -4.47 -22.58 -12.90
C PRO A 274 -5.68 -23.48 -13.23
N GLN A 275 -6.53 -23.06 -14.18
CA GLN A 275 -7.70 -23.85 -14.67
C GLN A 275 -7.21 -25.14 -15.32
N PHE A 276 -6.19 -25.09 -16.19
CA PHE A 276 -5.68 -26.31 -16.88
C PHE A 276 -5.31 -27.33 -15.82
N ILE A 277 -4.67 -26.88 -14.74
CA ILE A 277 -4.12 -27.78 -13.70
C ILE A 277 -5.29 -28.39 -12.95
N LEU A 278 -6.22 -27.55 -12.50
CA LEU A 278 -7.40 -28.00 -11.74
C LEU A 278 -8.20 -29.00 -12.59
N ASP A 279 -8.56 -28.60 -13.82
CA ASP A 279 -9.37 -29.46 -14.74
C ASP A 279 -8.61 -30.74 -15.09
N ASP A 280 -7.28 -30.72 -15.17
CA ASP A 280 -6.50 -31.97 -15.39
C ASP A 280 -6.75 -32.95 -14.22
N PHE A 281 -6.83 -32.46 -12.98
CA PHE A 281 -7.05 -33.30 -11.78
C PHE A 281 -8.53 -33.75 -11.74
N ILE A 282 -9.47 -32.86 -12.02
CA ILE A 282 -10.93 -33.16 -11.99
C ILE A 282 -11.24 -34.25 -13.05
N GLN A 283 -10.76 -34.08 -14.27
CA GLN A 283 -11.01 -35.01 -15.41
C GLN A 283 -10.26 -36.35 -15.26
N ASN A 284 -9.19 -36.43 -14.46
CA ASN A 284 -8.45 -37.71 -14.22
C ASN A 284 -8.82 -38.30 -12.85
N ASP A 285 -10.01 -37.97 -12.33
CA ASP A 285 -10.63 -38.58 -11.11
C ASP A 285 -9.75 -38.35 -9.88
N ARG A 286 -9.16 -37.16 -9.75
CA ARG A 286 -8.25 -36.80 -8.63
C ARG A 286 -8.55 -35.39 -8.07
N ALA A 287 -9.72 -34.82 -8.35
CA ALA A 287 -10.13 -33.47 -7.89
C ALA A 287 -9.63 -33.20 -6.45
N ALA A 288 -9.61 -34.22 -5.60
CA ALA A 288 -9.32 -34.12 -4.15
C ALA A 288 -7.84 -33.80 -3.88
N GLU A 289 -6.96 -34.08 -4.84
CA GLU A 289 -5.49 -33.99 -4.73
C GLU A 289 -4.97 -32.61 -5.19
N CYS A 290 -5.85 -31.65 -5.51
CA CYS A 290 -5.52 -30.36 -6.16
C CYS A 290 -6.00 -29.19 -5.29
N ASN A 291 -5.06 -28.42 -4.73
CA ASN A 291 -5.30 -27.08 -4.13
C ASN A 291 -4.17 -26.15 -4.59
N ILE A 292 -4.52 -25.05 -5.23
CA ILE A 292 -3.56 -24.18 -5.96
C ILE A 292 -3.59 -22.81 -5.28
N VAL A 293 -2.42 -22.31 -4.84
CA VAL A 293 -2.19 -20.89 -4.44
C VAL A 293 -1.61 -20.17 -5.65
N VAL A 294 -2.20 -19.06 -6.05
CA VAL A 294 -1.66 -18.16 -7.10
C VAL A 294 -1.40 -16.82 -6.42
N THR A 295 -0.13 -16.42 -6.33
CA THR A 295 0.28 -15.09 -5.80
C THR A 295 0.22 -14.09 -6.95
N GLN A 296 -0.29 -12.91 -6.65
CA GLN A 296 -0.30 -11.75 -7.55
C GLN A 296 0.44 -10.64 -6.83
N PRO A 297 1.22 -9.80 -7.53
CA PRO A 297 1.91 -8.70 -6.87
C PRO A 297 1.00 -7.53 -6.48
N ARG A 298 -0.23 -7.45 -7.01
CA ARG A 298 -1.18 -6.35 -6.66
C ARG A 298 -2.51 -6.88 -6.13
N ARG A 299 -3.06 -6.21 -5.11
CA ARG A 299 -4.44 -6.32 -4.60
C ARG A 299 -5.43 -6.43 -5.77
N ILE A 300 -5.44 -5.45 -6.66
CA ILE A 300 -6.45 -5.31 -7.74
C ILE A 300 -6.39 -6.56 -8.61
N SER A 301 -5.20 -7.12 -8.82
CA SER A 301 -5.01 -8.29 -9.71
C SER A 301 -5.55 -9.54 -9.03
N ALA A 302 -5.38 -9.68 -7.72
CA ALA A 302 -5.78 -10.91 -7.00
C ALA A 302 -7.31 -10.99 -7.01
N VAL A 303 -7.99 -9.89 -6.73
CA VAL A 303 -9.47 -9.80 -6.69
C VAL A 303 -10.01 -10.01 -8.12
N SER A 304 -9.56 -9.21 -9.09
CA SER A 304 -10.05 -9.20 -10.49
C SER A 304 -9.83 -10.55 -11.18
N VAL A 305 -8.66 -11.17 -10.99
CA VAL A 305 -8.36 -12.49 -11.60
C VAL A 305 -9.32 -13.52 -10.99
N ALA A 306 -9.56 -13.47 -9.69
CA ALA A 306 -10.50 -14.41 -9.02
C ALA A 306 -11.88 -14.24 -9.66
N GLU A 307 -12.35 -13.01 -9.83
CA GLU A 307 -13.70 -12.73 -10.40
C GLU A 307 -13.75 -13.25 -11.83
N ARG A 308 -12.67 -13.09 -12.59
CA ARG A 308 -12.62 -13.46 -14.01
C ARG A 308 -12.59 -14.97 -14.15
N VAL A 309 -11.77 -15.64 -13.34
CA VAL A 309 -11.63 -17.11 -13.46
C VAL A 309 -12.94 -17.77 -12.98
N ALA A 310 -13.57 -17.27 -11.91
CA ALA A 310 -14.92 -17.69 -11.49
C ALA A 310 -15.91 -17.59 -12.65
N TYR A 311 -16.03 -16.42 -13.30
CA TYR A 311 -16.95 -16.13 -14.44
C TYR A 311 -16.70 -17.16 -15.55
N GLU A 312 -15.44 -17.50 -15.82
CA GLU A 312 -15.04 -18.49 -16.86
C GLU A 312 -15.47 -19.89 -16.44
N ARG A 313 -15.78 -20.10 -15.15
CA ARG A 313 -16.19 -21.43 -14.63
C ARG A 313 -17.68 -21.42 -14.31
N GLY A 314 -18.38 -20.35 -14.69
CA GLY A 314 -19.84 -20.21 -14.48
C GLY A 314 -20.20 -19.95 -13.02
N GLU A 315 -19.31 -19.31 -12.25
CA GLU A 315 -19.52 -19.12 -10.79
C GLU A 315 -19.20 -17.69 -10.35
N GLU A 316 -19.37 -17.42 -9.06
CA GLU A 316 -18.81 -16.23 -8.39
C GLU A 316 -17.76 -16.74 -7.41
N PRO A 317 -16.81 -15.88 -6.96
CA PRO A 317 -15.80 -16.33 -6.00
C PRO A 317 -16.52 -16.96 -4.83
N GLY A 318 -16.01 -18.07 -4.33
CA GLY A 318 -16.53 -18.75 -3.13
C GLY A 318 -16.71 -20.23 -3.36
N LYS A 319 -16.51 -20.70 -4.59
CA LYS A 319 -16.65 -22.12 -4.96
C LYS A 319 -15.29 -22.67 -5.40
N SER A 320 -15.07 -22.93 -6.69
CA SER A 320 -13.76 -23.43 -7.20
C SER A 320 -12.70 -22.31 -7.06
N CYS A 321 -13.06 -21.03 -7.05
CA CYS A 321 -12.11 -19.89 -6.91
C CYS A 321 -12.41 -19.04 -5.69
N GLY A 322 -11.37 -18.48 -5.07
CA GLY A 322 -11.46 -17.50 -3.98
C GLY A 322 -10.33 -16.49 -4.07
N TYR A 323 -10.39 -15.44 -3.26
CA TYR A 323 -9.30 -14.44 -3.16
C TYR A 323 -9.09 -14.04 -1.71
N SER A 324 -7.88 -13.56 -1.42
CA SER A 324 -7.47 -13.08 -0.08
C SER A 324 -6.40 -12.00 -0.25
N VAL A 325 -6.81 -10.77 0.02
CA VAL A 325 -5.97 -9.57 0.04
C VAL A 325 -6.01 -8.99 1.47
N ARG A 326 -5.30 -7.90 1.70
CA ARG A 326 -4.87 -7.53 3.07
C ARG A 326 -6.07 -7.57 4.02
N PHE A 327 -7.15 -6.88 3.75
CA PHE A 327 -8.25 -6.76 4.73
C PHE A 327 -9.58 -7.24 4.12
N GLU A 328 -9.53 -8.17 3.16
CA GLU A 328 -10.72 -8.67 2.43
C GLU A 328 -10.43 -10.03 1.81
N SER A 329 -11.31 -11.00 2.03
CA SER A 329 -11.21 -12.34 1.42
C SER A 329 -12.61 -12.85 1.02
N VAL A 330 -12.64 -13.73 0.03
CA VAL A 330 -13.76 -14.68 -0.23
C VAL A 330 -13.10 -16.05 -0.43
N LEU A 331 -13.19 -16.90 0.58
CA LEU A 331 -12.47 -18.20 0.63
C LEU A 331 -13.02 -19.12 -0.47
N PRO A 332 -12.18 -19.91 -1.14
CA PRO A 332 -12.66 -21.00 -1.99
C PRO A 332 -13.20 -22.13 -1.11
N ARG A 333 -13.92 -23.07 -1.73
CA ARG A 333 -14.32 -24.36 -1.11
C ARG A 333 -13.03 -25.08 -0.74
N PRO A 334 -13.05 -25.98 0.27
CA PRO A 334 -11.83 -26.68 0.71
C PRO A 334 -11.13 -27.64 -0.26
N HIS A 335 -11.82 -28.12 -1.32
CA HIS A 335 -11.32 -29.16 -2.24
C HIS A 335 -11.27 -28.64 -3.68
N ALA A 336 -10.31 -29.14 -4.48
CA ALA A 336 -10.28 -28.90 -5.94
C ALA A 336 -10.45 -27.41 -6.22
N SER A 337 -9.64 -26.56 -5.60
CA SER A 337 -9.90 -25.09 -5.60
C SER A 337 -8.61 -24.29 -5.73
N ILE A 338 -8.78 -23.05 -6.19
CA ILE A 338 -7.71 -22.06 -6.50
C ILE A 338 -7.91 -20.82 -5.59
N MET A 339 -6.90 -20.47 -4.79
CA MET A 339 -6.85 -19.20 -4.03
C MET A 339 -5.92 -18.22 -4.77
N PHE A 340 -6.45 -17.09 -5.23
CA PHE A 340 -5.67 -15.92 -5.69
C PHE A 340 -5.46 -14.99 -4.49
N CYS A 341 -4.19 -14.71 -4.16
CA CYS A 341 -3.81 -13.85 -3.00
C CYS A 341 -2.61 -12.96 -3.34
N THR A 342 -2.47 -11.89 -2.58
CA THR A 342 -1.23 -11.08 -2.50
C THR A 342 -0.19 -11.88 -1.69
N VAL A 343 1.09 -11.62 -1.93
CA VAL A 343 2.23 -12.37 -1.33
C VAL A 343 2.22 -12.09 0.16
N GLY A 344 1.93 -10.86 0.53
CA GLY A 344 1.81 -10.44 1.94
C GLY A 344 0.82 -11.31 2.69
N VAL A 345 -0.31 -11.63 2.08
CA VAL A 345 -1.36 -12.45 2.75
C VAL A 345 -0.76 -13.84 2.99
N LEU A 346 -0.09 -14.40 1.98
CA LEU A 346 0.46 -15.77 2.02
C LEU A 346 1.57 -15.82 3.10
N LEU A 347 2.54 -14.91 3.06
CA LEU A 347 3.65 -14.91 4.06
C LEU A 347 3.06 -14.84 5.47
N ARG A 348 2.02 -14.04 5.69
CA ARG A 348 1.41 -13.86 7.03
C ARG A 348 0.69 -15.14 7.48
N LYS A 349 0.41 -16.06 6.55
CA LYS A 349 -0.35 -17.32 6.80
C LYS A 349 0.63 -18.50 6.85
N LEU A 350 1.93 -18.27 6.69
CA LEU A 350 2.95 -19.36 6.63
C LEU A 350 3.46 -19.78 8.01
N GLU A 351 3.00 -19.17 9.11
CA GLU A 351 3.49 -19.47 10.48
C GLU A 351 3.42 -20.97 10.79
N ALA A 352 2.40 -21.66 10.27
CA ALA A 352 2.14 -23.12 10.49
C ALA A 352 2.58 -23.92 9.26
N GLY A 353 3.13 -23.26 8.26
CA GLY A 353 3.64 -23.91 7.05
C GLY A 353 2.62 -23.86 5.92
N ILE A 354 3.01 -24.40 4.79
CA ILE A 354 2.16 -24.52 3.57
C ILE A 354 1.51 -25.91 3.62
N ARG A 355 0.35 -26.03 4.26
CA ARG A 355 -0.29 -27.32 4.64
C ARG A 355 -1.54 -27.55 3.78
N GLY A 356 -1.52 -28.57 2.92
CA GLY A 356 -2.71 -29.04 2.17
C GLY A 356 -2.80 -28.43 0.79
N ILE A 357 -1.65 -28.18 0.17
CA ILE A 357 -1.52 -27.44 -1.11
C ILE A 357 -0.71 -28.28 -2.07
N SER A 358 -1.13 -28.38 -3.32
CA SER A 358 -0.44 -29.22 -4.35
C SER A 358 0.46 -28.33 -5.23
N HIS A 359 0.02 -27.11 -5.55
CA HIS A 359 0.69 -26.21 -6.53
C HIS A 359 0.76 -24.80 -5.94
N VAL A 360 1.90 -24.14 -6.13
CA VAL A 360 2.12 -22.68 -5.84
C VAL A 360 2.52 -22.05 -7.15
N ILE A 361 1.66 -21.19 -7.67
CA ILE A 361 1.91 -20.45 -8.92
C ILE A 361 2.24 -19.03 -8.50
N VAL A 362 3.44 -18.57 -8.85
CA VAL A 362 3.93 -17.20 -8.52
C VAL A 362 3.83 -16.43 -9.83
N ASP A 363 2.88 -15.52 -9.93
CA ASP A 363 2.56 -14.86 -11.22
C ASP A 363 3.38 -13.56 -11.33
N GLU A 364 3.66 -13.14 -12.56
CA GLU A 364 4.16 -11.79 -12.95
C GLU A 364 5.53 -11.54 -12.30
N ILE A 365 6.41 -12.55 -12.24
CA ILE A 365 7.74 -12.46 -11.57
C ILE A 365 8.59 -11.33 -12.17
N HIS A 366 8.42 -11.04 -13.46
CA HIS A 366 9.18 -10.02 -14.24
C HIS A 366 8.99 -8.61 -13.66
N GLU A 367 7.91 -8.36 -12.92
CA GLU A 367 7.68 -7.03 -12.29
C GLU A 367 8.70 -6.76 -11.16
N ARG A 368 9.30 -7.78 -10.55
CA ARG A 368 10.30 -7.60 -9.46
C ARG A 368 9.64 -6.83 -8.32
N ASP A 369 8.38 -7.15 -8.05
CA ASP A 369 7.69 -6.85 -6.77
C ASP A 369 8.54 -7.37 -5.62
N ILE A 370 8.83 -6.55 -4.61
CA ILE A 370 9.79 -6.95 -3.55
C ILE A 370 9.25 -8.17 -2.78
N ASN A 371 7.96 -8.20 -2.39
CA ASN A 371 7.40 -9.37 -1.66
C ASN A 371 7.49 -10.65 -2.51
N THR A 372 7.38 -10.56 -3.83
CA THR A 372 7.56 -11.72 -4.75
C THR A 372 9.02 -12.19 -4.77
N ASP A 373 9.99 -11.30 -4.99
CA ASP A 373 11.44 -11.65 -4.88
C ASP A 373 11.67 -12.37 -3.55
N PHE A 374 11.09 -11.89 -2.46
CA PHE A 374 11.28 -12.47 -1.11
C PHE A 374 10.70 -13.89 -1.07
N LEU A 375 9.44 -14.04 -1.51
CA LEU A 375 8.78 -15.35 -1.54
C LEU A 375 9.60 -16.31 -2.41
N LEU A 376 10.18 -15.84 -3.52
CA LEU A 376 11.01 -16.76 -4.35
C LEU A 376 12.12 -17.39 -3.51
N VAL A 377 12.62 -16.71 -2.45
CA VAL A 377 13.73 -17.21 -1.59
C VAL A 377 13.15 -18.33 -0.71
N VAL A 378 11.98 -18.08 -0.15
CA VAL A 378 11.31 -19.03 0.75
C VAL A 378 11.03 -20.30 -0.04
N LEU A 379 10.49 -20.16 -1.25
CA LEU A 379 10.02 -21.33 -2.02
C LEU A 379 11.21 -22.16 -2.50
N ARG A 380 12.33 -21.54 -2.84
CA ARG A 380 13.52 -22.32 -3.29
C ARG A 380 13.95 -23.25 -2.17
N ASP A 381 13.94 -22.80 -0.91
CA ASP A 381 14.28 -23.66 0.25
C ASP A 381 13.23 -24.76 0.36
N VAL A 382 11.94 -24.42 0.28
CA VAL A 382 10.81 -25.39 0.36
C VAL A 382 11.02 -26.49 -0.69
N VAL A 383 11.30 -26.11 -1.92
CA VAL A 383 11.43 -27.05 -3.07
C VAL A 383 12.55 -28.05 -2.81
N GLN A 384 13.64 -27.61 -2.17
CA GLN A 384 14.86 -28.42 -1.99
C GLN A 384 14.56 -29.53 -0.97
N ALA A 385 13.81 -29.19 0.08
CA ALA A 385 13.51 -30.06 1.24
C ALA A 385 12.21 -30.87 1.01
N TYR A 386 11.31 -30.41 0.12
CA TYR A 386 9.99 -31.05 -0.16
C TYR A 386 9.75 -31.10 -1.65
N PRO A 387 10.44 -31.97 -2.41
CA PRO A 387 10.44 -31.91 -3.87
C PRO A 387 9.11 -32.31 -4.54
N GLU A 388 8.15 -32.83 -3.77
CA GLU A 388 6.81 -33.23 -4.31
C GLU A 388 5.93 -31.98 -4.51
N VAL A 389 6.25 -30.84 -3.89
CA VAL A 389 5.47 -29.59 -4.12
C VAL A 389 5.62 -29.28 -5.61
N ARG A 390 4.66 -28.59 -6.21
CA ARG A 390 4.84 -28.04 -7.57
C ARG A 390 4.90 -26.52 -7.51
N ILE A 391 5.96 -25.95 -8.06
CA ILE A 391 6.14 -24.48 -8.18
C ILE A 391 6.04 -24.13 -9.65
N VAL A 392 5.27 -23.08 -9.96
CA VAL A 392 5.11 -22.59 -11.35
C VAL A 392 5.30 -21.08 -11.31
N LEU A 393 6.35 -20.58 -11.97
CA LEU A 393 6.66 -19.14 -12.09
C LEU A 393 6.21 -18.73 -13.48
N MET A 394 5.52 -17.60 -13.58
CA MET A 394 5.03 -17.13 -14.88
C MET A 394 5.53 -15.71 -15.11
N SER A 395 5.95 -15.45 -16.34
CA SER A 395 6.75 -14.27 -16.72
C SER A 395 6.34 -13.76 -18.09
N ALA A 396 6.36 -12.45 -18.28
CA ALA A 396 6.35 -11.80 -19.61
C ALA A 396 7.60 -12.23 -20.38
N THR A 397 7.74 -11.76 -21.62
CA THR A 397 8.91 -11.99 -22.49
C THR A 397 10.04 -11.05 -22.03
N ILE A 398 10.88 -11.57 -21.14
CA ILE A 398 12.13 -10.96 -20.61
C ILE A 398 13.17 -12.07 -20.60
N ASP A 399 14.44 -11.73 -20.38
CA ASP A 399 15.48 -12.74 -20.10
C ASP A 399 15.11 -13.35 -18.74
N THR A 400 14.73 -14.62 -18.69
CA THR A 400 14.34 -15.33 -17.42
C THR A 400 15.49 -16.18 -16.91
N SER A 401 16.70 -16.06 -17.49
CA SER A 401 17.86 -16.95 -17.20
C SER A 401 18.22 -16.87 -15.71
N MET A 402 18.07 -15.68 -15.14
CA MET A 402 18.36 -15.39 -13.70
C MET A 402 17.47 -16.29 -12.81
N PHE A 403 16.16 -16.34 -13.09
CA PHE A 403 15.16 -17.15 -12.34
C PHE A 403 15.47 -18.63 -12.58
N CYS A 404 15.67 -19.00 -13.85
CA CYS A 404 15.95 -20.39 -14.29
C CYS A 404 17.14 -20.95 -13.50
N GLU A 405 18.29 -20.26 -13.55
CA GLU A 405 19.53 -20.63 -12.78
C GLU A 405 19.24 -20.71 -11.27
N TYR A 406 18.47 -19.77 -10.73
CA TYR A 406 18.22 -19.65 -9.27
C TYR A 406 17.45 -20.90 -8.85
N PHE A 407 16.56 -21.39 -9.70
CA PHE A 407 15.73 -22.59 -9.44
C PHE A 407 16.34 -23.83 -10.15
N PHE A 408 17.67 -23.99 -10.09
CA PHE A 408 18.41 -25.23 -10.48
C PHE A 408 18.19 -25.58 -11.96
N ASN A 409 18.29 -24.57 -12.84
CA ASN A 409 18.15 -24.66 -14.32
C ASN A 409 16.86 -25.41 -14.67
N CYS A 410 15.76 -25.01 -14.03
CA CYS A 410 14.41 -25.57 -14.23
C CYS A 410 13.98 -25.37 -15.69
N PRO A 411 13.08 -26.22 -16.24
CA PRO A 411 12.61 -26.02 -17.62
C PRO A 411 11.86 -24.70 -17.76
N ILE A 412 11.96 -24.11 -18.95
CA ILE A 412 11.23 -22.89 -19.39
C ILE A 412 10.29 -23.33 -20.52
N ILE A 413 8.97 -23.13 -20.34
CA ILE A 413 7.95 -23.45 -21.38
C ILE A 413 7.58 -22.15 -22.08
N GLU A 414 7.90 -22.05 -23.37
CA GLU A 414 7.66 -20.85 -24.21
C GLU A 414 6.23 -20.91 -24.76
N VAL A 415 5.49 -19.81 -24.61
CA VAL A 415 4.07 -19.62 -25.03
C VAL A 415 4.04 -18.36 -25.92
N TYR A 416 3.29 -18.42 -27.01
CA TYR A 416 3.22 -17.38 -28.06
C TYR A 416 1.96 -17.60 -28.90
N GLY A 417 1.57 -16.55 -29.65
CA GLY A 417 0.50 -16.52 -30.66
C GLY A 417 0.73 -15.37 -31.61
N ARG A 418 -0.27 -15.00 -32.41
CA ARG A 418 -0.15 -13.95 -33.45
C ARG A 418 0.13 -12.59 -32.79
N THR A 419 1.12 -11.87 -33.31
CA THR A 419 1.31 -10.42 -33.06
C THR A 419 1.55 -9.74 -34.41
N TYR A 420 1.11 -8.49 -34.54
CA TYR A 420 1.23 -7.68 -35.77
C TYR A 420 2.34 -6.64 -35.54
N PRO A 421 3.08 -6.20 -36.58
CA PRO A 421 4.09 -5.15 -36.39
C PRO A 421 3.44 -3.85 -35.89
N VAL A 422 4.21 -3.04 -35.16
CA VAL A 422 3.72 -1.73 -34.65
C VAL A 422 4.72 -0.65 -35.08
N GLN A 423 4.25 0.36 -35.80
CA GLN A 423 5.06 1.58 -36.10
C GLN A 423 5.22 2.35 -34.80
N GLU A 424 6.46 2.56 -34.32
CA GLU A 424 6.72 3.44 -33.15
C GLU A 424 7.15 4.81 -33.67
N TYR A 425 6.83 5.85 -32.89
CA TYR A 425 7.07 7.28 -33.16
C TYR A 425 7.59 7.92 -31.87
N PHE A 426 8.41 8.96 -31.96
CA PHE A 426 8.89 9.70 -30.77
C PHE A 426 8.36 11.14 -30.81
N LEU A 427 8.60 11.87 -29.71
CA LEU A 427 8.05 13.23 -29.48
C LEU A 427 8.15 14.09 -30.76
N GLU A 428 9.29 14.03 -31.46
CA GLU A 428 9.58 14.74 -32.75
C GLU A 428 8.53 14.40 -33.80
N ASP A 429 8.25 13.11 -34.00
CA ASP A 429 7.32 12.58 -35.03
C ASP A 429 5.90 13.06 -34.70
N CYS A 430 5.53 13.01 -33.41
CA CYS A 430 4.20 13.42 -32.88
C CYS A 430 3.94 14.90 -33.21
N ILE A 431 4.95 15.75 -33.00
CA ILE A 431 4.86 17.22 -33.24
C ILE A 431 4.66 17.44 -34.75
N GLN A 432 5.46 16.78 -35.60
CA GLN A 432 5.44 16.95 -37.07
C GLN A 432 4.08 16.51 -37.65
N MET A 433 3.63 15.29 -37.31
CA MET A 433 2.40 14.66 -37.86
C MET A 433 1.15 15.52 -37.57
N THR A 434 1.11 16.19 -36.41
CA THR A 434 -0.03 16.97 -35.88
C THR A 434 0.17 18.49 -36.03
N HIS A 435 1.34 18.95 -36.48
CA HIS A 435 1.66 20.39 -36.65
C HIS A 435 1.48 21.10 -35.28
N PHE A 436 1.66 20.37 -34.17
CA PHE A 436 1.38 20.90 -32.82
C PHE A 436 2.43 21.96 -32.46
N VAL A 437 1.98 22.99 -31.75
CA VAL A 437 2.78 24.18 -31.32
C VAL A 437 2.42 24.48 -29.87
N PRO A 438 3.38 24.37 -28.91
CA PRO A 438 3.08 24.64 -27.50
C PRO A 438 2.94 26.11 -27.14
N PRO A 439 2.30 26.42 -25.99
CA PRO A 439 2.29 27.79 -25.44
C PRO A 439 3.69 28.31 -25.10
N PRO A 440 3.82 29.54 -24.54
CA PRO A 440 5.11 30.01 -24.02
C PRO A 440 5.67 29.17 -22.88
N ASP A 457 19.00 16.46 -14.83
CA ASP A 457 19.41 15.86 -16.13
C ASP A 457 19.56 16.99 -17.17
N ALA A 458 20.24 16.69 -18.29
CA ALA A 458 20.29 17.54 -19.51
C ALA A 458 19.00 17.33 -20.31
N ASN A 459 18.52 18.41 -20.92
CA ASN A 459 17.21 18.51 -21.64
C ASN A 459 17.34 17.91 -23.03
N CYS A 460 16.77 16.72 -23.28
CA CYS A 460 16.90 15.98 -24.56
C CYS A 460 15.87 16.47 -25.58
N ASN A 461 15.10 17.50 -25.26
CA ASN A 461 14.16 18.16 -26.23
C ASN A 461 14.90 19.25 -27.02
N LEU A 462 16.11 19.63 -26.57
CA LEU A 462 17.02 20.57 -27.29
C LEU A 462 17.77 19.81 -28.39
N ILE A 463 17.91 18.49 -28.23
CA ILE A 463 18.54 17.59 -29.23
C ILE A 463 17.43 17.11 -30.16
N CYS A 464 17.60 17.29 -31.46
CA CYS A 464 16.70 16.79 -32.53
C CYS A 464 17.51 16.67 -33.83
N GLY A 465 17.44 15.51 -34.51
CA GLY A 465 18.08 15.26 -35.82
C GLY A 465 17.64 16.27 -36.87
N ASP A 466 18.48 16.55 -37.87
CA ASP A 466 18.29 17.67 -38.83
C ASP A 466 17.37 17.26 -39.99
N GLU A 467 16.92 15.99 -40.05
CA GLU A 467 15.99 15.48 -41.09
C GLU A 467 14.53 15.83 -40.73
N TYR A 468 14.31 16.59 -39.64
CA TYR A 468 13.01 17.16 -39.23
C TYR A 468 12.96 18.65 -39.61
N GLY A 469 11.76 19.23 -39.66
CA GLY A 469 11.56 20.67 -39.93
C GLY A 469 12.13 21.53 -38.80
N PRO A 470 12.31 22.85 -39.01
CA PRO A 470 12.80 23.76 -37.96
C PRO A 470 11.68 24.24 -37.01
N GLU A 471 10.41 24.13 -37.43
CA GLU A 471 9.24 24.29 -36.53
C GLU A 471 9.21 23.09 -35.58
N THR A 472 9.38 21.86 -36.10
CA THR A 472 9.42 20.61 -35.30
C THR A 472 10.47 20.75 -34.19
N ARG A 473 11.72 21.06 -34.55
CA ARG A 473 12.87 21.22 -33.62
C ARG A 473 12.61 22.36 -32.63
N MET A 474 11.99 23.45 -33.11
CA MET A 474 11.71 24.67 -32.30
C MET A 474 10.53 24.38 -31.37
N SER A 475 9.47 23.75 -31.88
CA SER A 475 8.28 23.31 -31.10
C SER A 475 8.73 22.37 -29.97
N MET A 476 9.41 21.27 -30.29
CA MET A 476 9.93 20.28 -29.28
C MET A 476 10.72 21.03 -28.20
N ALA A 477 11.66 21.88 -28.61
CA ALA A 477 12.57 22.66 -27.74
C ALA A 477 11.79 23.44 -26.67
N GLN A 478 10.49 23.72 -26.87
CA GLN A 478 9.67 24.48 -25.89
C GLN A 478 9.06 23.54 -24.83
N LEU A 479 9.11 22.22 -25.05
CA LEU A 479 8.43 21.22 -24.17
C LEU A 479 9.36 20.81 -23.03
N ASN A 480 8.94 21.09 -21.79
CA ASN A 480 9.62 20.65 -20.55
C ASN A 480 9.39 19.14 -20.35
N GLU A 481 10.47 18.35 -20.30
CA GLU A 481 10.45 16.87 -20.15
C GLU A 481 9.84 16.41 -18.81
N LYS A 482 9.84 17.25 -17.77
CA LYS A 482 9.27 16.90 -16.44
C LYS A 482 7.74 16.99 -16.46
N GLU A 483 7.15 17.55 -17.52
CA GLU A 483 5.68 17.65 -17.72
C GLU A 483 5.27 16.64 -18.80
N THR A 484 4.04 16.12 -18.72
CA THR A 484 3.43 15.32 -19.82
C THR A 484 2.57 16.28 -20.66
N PRO A 485 2.78 16.31 -21.99
CA PRO A 485 2.17 17.33 -22.84
C PRO A 485 0.72 16.94 -23.20
N PHE A 486 -0.23 17.36 -22.36
CA PHE A 486 -1.67 16.97 -22.41
C PHE A 486 -2.27 17.42 -23.75
N GLU A 487 -1.88 18.61 -24.24
CA GLU A 487 -2.47 19.23 -25.45
C GLU A 487 -2.01 18.46 -26.68
N LEU A 488 -0.77 17.93 -26.69
CA LEU A 488 -0.25 17.06 -27.78
C LEU A 488 -1.05 15.74 -27.81
N ILE A 489 -1.43 15.23 -26.64
CA ILE A 489 -2.22 13.97 -26.53
C ILE A 489 -3.57 14.18 -27.24
N GLU A 490 -4.29 15.24 -26.89
CA GLU A 490 -5.50 15.73 -27.61
C GLU A 490 -5.23 15.78 -29.12
N ALA A 491 -4.17 16.48 -29.53
CA ALA A 491 -3.75 16.61 -30.93
C ALA A 491 -3.48 15.23 -31.53
N LEU A 492 -2.92 14.30 -30.75
CA LEU A 492 -2.65 12.93 -31.26
C LEU A 492 -3.98 12.17 -31.45
N LEU A 493 -4.95 12.33 -30.54
CA LEU A 493 -6.26 11.66 -30.66
C LEU A 493 -6.92 12.10 -31.99
N LYS A 494 -6.95 13.41 -32.29
CA LYS A 494 -7.58 13.95 -33.54
C LYS A 494 -6.85 13.38 -34.77
N TYR A 495 -5.52 13.26 -34.72
CA TYR A 495 -4.70 12.67 -35.80
C TYR A 495 -5.11 11.21 -36.02
N ILE A 496 -5.38 10.46 -34.94
CA ILE A 496 -5.78 9.01 -35.01
C ILE A 496 -7.11 8.88 -35.78
N GLU A 497 -8.04 9.84 -35.62
CA GLU A 497 -9.33 9.88 -36.34
C GLU A 497 -9.10 9.89 -37.86
N THR A 498 -8.05 10.57 -38.35
CA THR A 498 -7.77 10.81 -39.79
C THR A 498 -7.24 9.52 -40.46
N LEU A 499 -6.85 8.53 -39.67
CA LEU A 499 -6.28 7.27 -40.19
C LEU A 499 -7.42 6.37 -40.67
N ASN A 500 -8.65 6.64 -40.21
CA ASN A 500 -9.87 5.87 -40.54
C ASN A 500 -9.50 4.38 -40.48
N VAL A 501 -9.09 3.93 -39.30
CA VAL A 501 -9.06 2.50 -38.88
C VAL A 501 -9.61 2.44 -37.46
N PRO A 502 -10.83 1.90 -37.27
CA PRO A 502 -11.41 1.71 -35.93
C PRO A 502 -10.45 0.98 -34.98
N GLY A 503 -10.48 1.32 -33.69
CA GLY A 503 -9.61 0.72 -32.66
C GLY A 503 -9.50 1.60 -31.41
N ALA A 504 -9.28 0.97 -30.27
CA ALA A 504 -9.17 1.66 -28.96
C ALA A 504 -7.78 2.31 -28.85
N VAL A 505 -7.71 3.37 -28.06
CA VAL A 505 -6.45 4.07 -27.70
C VAL A 505 -6.19 3.86 -26.20
N LEU A 506 -5.00 3.31 -25.90
CA LEU A 506 -4.45 3.07 -24.54
C LEU A 506 -3.40 4.15 -24.28
N VAL A 507 -3.62 4.99 -23.27
CA VAL A 507 -2.73 6.12 -22.88
C VAL A 507 -2.09 5.77 -21.54
N PHE A 508 -0.78 5.56 -21.51
CA PHE A 508 0.01 5.29 -20.27
C PHE A 508 0.40 6.62 -19.66
N LEU A 509 -0.17 6.88 -18.50
CA LEU A 509 0.11 8.05 -17.61
C LEU A 509 0.58 7.49 -16.27
N PRO A 510 1.53 8.17 -15.58
CA PRO A 510 2.11 7.65 -14.34
C PRO A 510 1.11 7.24 -13.26
N GLY A 511 0.28 8.17 -12.79
CA GLY A 511 -0.62 7.94 -11.65
C GLY A 511 -2.00 8.59 -11.79
N TRP A 512 -2.87 8.39 -10.80
CA TRP A 512 -4.29 8.86 -10.78
C TRP A 512 -4.35 10.37 -11.02
N ASN A 513 -3.36 11.11 -10.52
CA ASN A 513 -3.26 12.60 -10.62
C ASN A 513 -3.31 13.05 -12.09
N LEU A 514 -2.42 12.54 -12.94
CA LEU A 514 -2.32 12.99 -14.36
C LEU A 514 -3.44 12.38 -15.21
N ILE A 515 -4.06 11.28 -14.76
CA ILE A 515 -5.19 10.64 -15.49
C ILE A 515 -6.43 11.54 -15.34
N TYR A 516 -6.71 11.95 -14.09
CA TYR A 516 -7.81 12.86 -13.68
C TYR A 516 -7.67 14.18 -14.43
N THR A 517 -6.44 14.67 -14.54
CA THR A 517 -6.04 15.93 -15.22
C THR A 517 -6.32 15.79 -16.72
N MET A 518 -5.90 14.67 -17.31
CA MET A 518 -6.12 14.42 -18.76
C MET A 518 -7.62 14.27 -19.04
N GLN A 519 -8.38 13.72 -18.10
CA GLN A 519 -9.82 13.41 -18.31
C GLN A 519 -10.59 14.74 -18.33
N LYS A 520 -10.47 15.53 -17.26
CA LYS A 520 -11.01 16.92 -17.15
C LYS A 520 -10.70 17.66 -18.44
N HIS A 521 -9.42 17.71 -18.82
CA HIS A 521 -8.94 18.41 -20.04
C HIS A 521 -9.85 18.04 -21.23
N LEU A 522 -10.03 16.75 -21.53
CA LEU A 522 -10.80 16.29 -22.72
C LEU A 522 -12.28 16.64 -22.58
N GLU A 523 -12.84 16.62 -21.36
CA GLU A 523 -14.30 16.89 -21.18
C GLU A 523 -14.56 18.41 -21.28
N MET A 524 -13.50 19.24 -21.25
CA MET A 524 -13.58 20.71 -21.53
C MET A 524 -13.70 20.96 -23.05
N ASN A 525 -13.61 19.91 -23.88
CA ASN A 525 -13.79 20.00 -25.35
C ASN A 525 -14.94 19.06 -25.76
N PRO A 526 -16.13 19.62 -26.10
CA PRO A 526 -17.26 18.82 -26.61
C PRO A 526 -16.94 17.92 -27.82
N HIS A 527 -15.80 18.15 -28.48
CA HIS A 527 -15.27 17.25 -29.53
C HIS A 527 -15.20 15.81 -28.99
N PHE A 528 -14.94 15.68 -27.67
CA PHE A 528 -14.60 14.41 -26.97
C PHE A 528 -15.81 13.96 -26.13
N GLY A 529 -17.02 14.20 -26.64
CA GLY A 529 -18.29 13.85 -25.98
C GLY A 529 -18.76 12.47 -26.38
N SER A 530 -19.78 11.98 -25.68
CA SER A 530 -20.37 10.61 -25.83
C SER A 530 -20.62 10.25 -27.30
N HIS A 531 -20.93 11.25 -28.14
CA HIS A 531 -21.28 11.07 -29.58
C HIS A 531 -20.12 10.41 -30.35
N ARG A 532 -18.88 10.59 -29.87
CA ARG A 532 -17.63 10.17 -30.59
C ARG A 532 -16.69 9.36 -29.67
N TYR A 533 -16.72 9.57 -28.36
CA TYR A 533 -15.63 9.14 -27.44
C TYR A 533 -16.16 8.52 -26.15
N GLN A 534 -15.55 7.41 -25.79
CA GLN A 534 -15.69 6.74 -24.47
C GLN A 534 -14.32 6.78 -23.80
N ILE A 535 -14.17 7.65 -22.80
CA ILE A 535 -12.89 7.95 -22.10
C ILE A 535 -12.99 7.33 -20.72
N LEU A 536 -12.25 6.24 -20.48
CA LEU A 536 -12.34 5.45 -19.22
C LEU A 536 -11.01 5.50 -18.50
N PRO A 537 -11.03 5.85 -17.20
CA PRO A 537 -9.82 5.87 -16.39
C PRO A 537 -9.55 4.45 -15.91
N LEU A 538 -8.30 3.98 -15.97
CA LEU A 538 -7.88 2.71 -15.33
C LEU A 538 -6.73 2.99 -14.34
N HIS A 539 -7.06 2.98 -13.05
CA HIS A 539 -6.11 2.94 -11.91
C HIS A 539 -6.76 2.14 -10.76
N SER A 540 -5.99 1.85 -9.73
CA SER A 540 -6.30 0.78 -8.74
C SER A 540 -7.32 1.29 -7.71
N GLN A 541 -7.58 2.62 -7.67
CA GLN A 541 -8.48 3.26 -6.67
C GLN A 541 -9.86 3.55 -7.28
N ILE A 542 -10.13 3.18 -8.53
CA ILE A 542 -11.50 3.25 -9.13
C ILE A 542 -12.22 1.95 -8.80
N PRO A 543 -13.55 2.00 -8.54
CA PRO A 543 -14.32 0.79 -8.22
C PRO A 543 -14.23 -0.29 -9.31
N ARG A 544 -14.47 -1.54 -8.92
CA ARG A 544 -14.25 -2.71 -9.80
C ARG A 544 -15.27 -2.66 -10.95
N GLU A 545 -16.51 -2.23 -10.67
CA GLU A 545 -17.56 -2.06 -11.70
C GLU A 545 -17.01 -1.20 -12.85
N GLU A 546 -16.31 -0.10 -12.53
CA GLU A 546 -15.74 0.88 -13.49
C GLU A 546 -14.52 0.25 -14.20
N GLN A 547 -13.68 -0.49 -13.47
CA GLN A 547 -12.47 -1.16 -14.01
C GLN A 547 -12.88 -2.09 -15.14
N ARG A 548 -13.90 -2.93 -14.89
CA ARG A 548 -14.40 -3.95 -15.86
C ARG A 548 -14.82 -3.26 -17.16
N LYS A 549 -15.29 -2.01 -17.09
CA LYS A 549 -15.84 -1.27 -18.26
C LYS A 549 -14.81 -1.11 -19.39
N VAL A 550 -13.49 -1.28 -19.13
CA VAL A 550 -12.43 -1.04 -20.15
C VAL A 550 -12.42 -2.20 -21.15
N PHE A 551 -13.02 -3.34 -20.80
CA PHE A 551 -13.11 -4.56 -21.64
C PHE A 551 -14.34 -4.50 -22.56
N ASP A 552 -15.38 -3.75 -22.16
CA ASP A 552 -16.68 -3.62 -22.88
C ASP A 552 -16.47 -3.09 -24.30
N PRO A 553 -17.28 -3.56 -25.28
CA PRO A 553 -17.28 -2.95 -26.61
C PRO A 553 -17.99 -1.59 -26.61
N VAL A 554 -17.80 -0.82 -27.68
CA VAL A 554 -18.38 0.55 -27.84
C VAL A 554 -19.30 0.58 -29.08
N PRO A 555 -20.32 1.48 -29.10
CA PRO A 555 -21.12 1.72 -30.30
C PRO A 555 -20.23 2.13 -31.50
N SER A 556 -20.55 1.63 -32.70
CA SER A 556 -19.89 1.98 -33.99
C SER A 556 -19.64 3.50 -34.04
N GLY A 557 -18.47 3.94 -34.51
CA GLY A 557 -18.12 5.37 -34.62
C GLY A 557 -17.92 6.04 -33.26
N VAL A 558 -17.81 5.27 -32.18
CA VAL A 558 -17.20 5.74 -30.90
C VAL A 558 -15.79 5.11 -30.77
N THR A 559 -14.80 5.95 -30.42
CA THR A 559 -13.42 5.54 -30.05
C THR A 559 -13.37 5.37 -28.53
N LYS A 560 -12.95 4.18 -28.08
CA LYS A 560 -12.64 3.87 -26.65
C LYS A 560 -11.23 4.35 -26.32
N VAL A 561 -11.09 5.20 -25.31
CA VAL A 561 -9.76 5.73 -24.88
C VAL A 561 -9.54 5.34 -23.42
N ILE A 562 -8.49 4.55 -23.14
CA ILE A 562 -8.15 4.14 -21.74
C ILE A 562 -6.97 4.99 -21.27
N LEU A 563 -7.20 5.82 -20.25
CA LEU A 563 -6.16 6.55 -19.48
C LEU A 563 -5.74 5.64 -18.33
N SER A 564 -4.62 4.94 -18.49
CA SER A 564 -4.19 3.80 -17.64
C SER A 564 -2.88 4.08 -16.90
N THR A 565 -2.75 3.56 -15.67
CA THR A 565 -1.43 3.30 -15.00
C THR A 565 -0.74 2.13 -15.71
N ASN A 566 0.43 1.72 -15.22
CA ASN A 566 1.21 0.61 -15.84
C ASN A 566 0.57 -0.76 -15.53
N ILE A 567 -0.56 -0.82 -14.82
CA ILE A 567 -1.42 -2.05 -14.72
C ILE A 567 -1.62 -2.62 -16.14
N ALA A 568 -1.84 -1.77 -17.14
CA ALA A 568 -2.15 -2.20 -18.52
C ALA A 568 -0.88 -2.55 -19.29
N GLU A 569 0.27 -2.59 -18.62
CA GLU A 569 1.59 -2.86 -19.25
C GLU A 569 1.79 -4.37 -19.44
N THR A 570 1.74 -5.17 -18.36
CA THR A 570 1.92 -6.65 -18.40
C THR A 570 0.87 -7.42 -17.59
N SER A 571 0.06 -6.75 -16.77
CA SER A 571 -0.89 -7.43 -15.85
C SER A 571 -2.23 -7.70 -16.58
N ILE A 572 -2.74 -6.75 -17.36
CA ILE A 572 -4.05 -6.92 -18.07
C ILE A 572 -3.90 -6.61 -19.56
N THR A 573 -4.73 -7.26 -20.38
CA THR A 573 -4.77 -7.05 -21.84
C THR A 573 -6.14 -6.51 -22.22
N ILE A 574 -6.20 -5.24 -22.60
CA ILE A 574 -7.45 -4.62 -23.12
C ILE A 574 -7.51 -4.95 -24.62
N ASN A 575 -8.55 -5.65 -25.07
CA ASN A 575 -8.71 -6.01 -26.50
C ASN A 575 -9.22 -4.78 -27.28
N ASP A 576 -9.08 -4.81 -28.60
CA ASP A 576 -9.54 -3.75 -29.52
C ASP A 576 -8.48 -2.64 -29.58
N VAL A 577 -7.36 -2.75 -28.84
CA VAL A 577 -6.33 -1.68 -28.81
C VAL A 577 -5.55 -1.73 -30.13
N VAL A 578 -5.53 -0.61 -30.85
CA VAL A 578 -4.71 -0.46 -32.08
C VAL A 578 -3.66 0.65 -31.85
N TYR A 579 -3.90 1.54 -30.89
CA TYR A 579 -3.11 2.79 -30.68
C TYR A 579 -2.69 2.88 -29.22
N VAL A 580 -1.42 3.17 -28.99
CA VAL A 580 -0.83 3.43 -27.64
C VAL A 580 -0.22 4.83 -27.66
N ILE A 581 -0.61 5.68 -26.71
CA ILE A 581 0.09 6.95 -26.37
C ILE A 581 0.80 6.73 -25.03
N ASP A 582 2.13 6.78 -25.04
CA ASP A 582 3.05 6.38 -23.94
C ASP A 582 3.75 7.62 -23.41
N SER A 583 3.39 8.07 -22.21
CA SER A 583 4.06 9.22 -21.53
C SER A 583 5.54 8.93 -21.33
N CYS A 584 5.95 7.64 -21.38
CA CYS A 584 7.34 7.15 -21.20
C CYS A 584 7.78 7.34 -19.73
N LYS A 585 6.82 7.45 -18.81
CA LYS A 585 7.04 7.73 -17.36
C LYS A 585 6.56 6.53 -16.52
N GLN A 586 7.07 6.42 -15.27
CA GLN A 586 6.57 5.48 -14.22
C GLN A 586 6.28 6.29 -12.97
N LYS A 587 5.38 5.81 -12.11
CA LYS A 587 5.21 6.29 -10.71
C LYS A 587 5.90 5.27 -9.79
N VAL A 588 6.83 5.73 -8.93
CA VAL A 588 7.53 4.88 -7.93
C VAL A 588 7.52 5.59 -6.57
N LYS A 589 7.28 4.84 -5.51
CA LYS A 589 7.39 5.33 -4.12
C LYS A 589 8.87 5.28 -3.75
N LEU A 590 9.52 6.43 -3.62
CA LEU A 590 10.91 6.52 -3.08
C LEU A 590 10.81 7.11 -1.67
N PHE A 591 11.31 6.37 -0.69
CA PHE A 591 11.43 6.80 0.73
C PHE A 591 12.91 7.05 1.01
N THR A 592 13.21 8.01 1.91
CA THR A 592 14.57 8.29 2.40
C THR A 592 14.49 8.40 3.93
N ALA A 593 15.13 7.47 4.63
CA ALA A 593 15.05 7.26 6.09
C ALA A 593 15.65 8.47 6.81
N HIS A 594 16.75 9.03 6.28
CA HIS A 594 17.56 10.10 6.92
C HIS A 594 16.69 11.34 7.19
N ASN A 595 15.73 11.67 6.33
CA ASN A 595 14.84 12.86 6.49
C ASN A 595 13.36 12.44 6.41
N ASN A 596 13.08 11.13 6.51
CA ASN A 596 11.71 10.56 6.55
C ASN A 596 10.85 11.18 5.43
N MET A 597 11.43 11.34 4.25
CA MET A 597 10.78 11.99 3.07
C MET A 597 10.18 10.92 2.16
N THR A 598 8.88 11.08 1.82
CA THR A 598 8.19 10.29 0.77
C THR A 598 8.16 11.11 -0.51
N ASN A 599 8.61 10.50 -1.60
CA ASN A 599 8.56 11.06 -2.97
C ASN A 599 7.78 10.08 -3.84
N TYR A 600 6.55 10.44 -4.21
CA TYR A 600 5.82 9.78 -5.32
C TYR A 600 6.38 10.43 -6.59
N ALA A 601 7.51 9.89 -7.04
CA ALA A 601 8.35 10.47 -8.10
C ALA A 601 7.82 9.99 -9.45
N THR A 602 7.74 10.91 -10.40
CA THR A 602 7.50 10.63 -11.83
C THR A 602 8.88 10.44 -12.46
N VAL A 603 9.20 9.21 -12.86
CA VAL A 603 10.55 8.87 -13.40
C VAL A 603 10.38 8.30 -14.80
N TRP A 604 11.48 8.24 -15.53
CA TRP A 604 11.54 7.62 -16.87
C TRP A 604 11.25 6.13 -16.73
N ALA A 605 10.48 5.59 -17.67
CA ALA A 605 10.36 4.14 -17.90
C ALA A 605 11.69 3.64 -18.47
N SER A 606 11.86 2.35 -18.49
CA SER A 606 13.00 1.65 -19.11
C SER A 606 12.71 1.36 -20.58
N LYS A 607 13.75 1.04 -21.35
CA LYS A 607 13.61 0.56 -22.73
C LYS A 607 12.61 -0.60 -22.71
N THR A 608 12.74 -1.51 -21.74
CA THR A 608 11.89 -2.73 -21.63
C THR A 608 10.42 -2.33 -21.44
N ASN A 609 10.13 -1.34 -20.61
CA ASN A 609 8.75 -0.80 -20.43
C ASN A 609 8.20 -0.21 -21.74
N LEU A 610 9.02 0.49 -22.52
CA LEU A 610 8.59 1.11 -23.81
C LEU A 610 8.27 -0.02 -24.81
N GLU A 611 9.13 -1.03 -24.88
CA GLU A 611 8.91 -2.21 -25.78
C GLU A 611 7.57 -2.87 -25.44
N GLN A 612 7.33 -3.14 -24.15
CA GLN A 612 6.14 -3.85 -23.62
C GLN A 612 4.91 -2.99 -23.90
N ARG A 613 5.03 -1.67 -23.73
CA ARG A 613 3.93 -0.70 -23.96
C ARG A 613 3.58 -0.68 -25.46
N LYS A 614 4.59 -0.61 -26.34
CA LYS A 614 4.44 -0.59 -27.82
C LYS A 614 3.65 -1.84 -28.24
N GLY A 615 4.06 -3.01 -27.72
CA GLY A 615 3.46 -4.32 -28.03
C GLY A 615 2.00 -4.45 -27.65
N ARG A 616 1.43 -3.54 -26.85
CA ARG A 616 -0.02 -3.56 -26.49
C ARG A 616 -0.88 -3.13 -27.69
N ALA A 617 -0.33 -2.39 -28.66
CA ALA A 617 -1.04 -1.93 -29.88
C ALA A 617 -1.11 -3.03 -30.95
N GLY A 618 -0.39 -4.15 -30.78
CA GLY A 618 -0.16 -5.15 -31.84
C GLY A 618 -0.71 -6.53 -31.53
N ARG A 619 -1.92 -6.61 -30.96
CA ARG A 619 -2.58 -7.91 -30.67
CA ARG A 619 -2.64 -7.87 -30.63
C ARG A 619 -3.78 -8.12 -31.62
N VAL A 620 -4.32 -7.06 -32.25
CA VAL A 620 -5.58 -7.12 -33.04
C VAL A 620 -5.29 -6.99 -34.54
N ARG A 621 -4.55 -5.94 -34.94
CA ARG A 621 -4.14 -5.66 -36.34
C ARG A 621 -2.81 -4.91 -36.29
N PRO A 622 -2.18 -4.52 -37.43
CA PRO A 622 -1.02 -3.62 -37.41
C PRO A 622 -1.33 -2.34 -36.62
N GLY A 623 -0.36 -1.80 -35.88
CA GLY A 623 -0.63 -0.81 -34.81
C GLY A 623 0.32 0.36 -34.83
N PHE A 624 0.04 1.36 -33.99
CA PHE A 624 0.86 2.59 -33.82
C PHE A 624 1.10 2.85 -32.34
N CYS A 625 2.35 3.14 -31.97
CA CYS A 625 2.75 3.55 -30.59
C CYS A 625 3.37 4.95 -30.64
N PHE A 626 2.83 5.92 -29.91
CA PHE A 626 3.32 7.33 -29.86
C PHE A 626 4.01 7.57 -28.51
N HIS A 627 5.34 7.37 -28.49
CA HIS A 627 6.23 7.64 -27.33
C HIS A 627 6.39 9.15 -27.22
N LEU A 628 6.09 9.72 -26.06
CA LEU A 628 6.17 11.18 -25.81
C LEU A 628 7.53 11.58 -25.20
N CYS A 629 8.61 10.82 -25.43
CA CYS A 629 10.01 11.24 -25.17
C CYS A 629 10.72 11.46 -26.51
N SER A 630 11.69 12.38 -26.58
CA SER A 630 12.56 12.59 -27.78
C SER A 630 13.37 11.32 -28.07
N ARG A 631 13.96 11.20 -29.26
CA ARG A 631 14.82 10.05 -29.65
C ARG A 631 16.13 10.11 -28.86
N ALA A 632 16.46 11.28 -28.29
CA ALA A 632 17.70 11.55 -27.53
C ALA A 632 17.43 11.39 -26.03
N ARG A 633 16.20 11.05 -25.65
CA ARG A 633 15.86 10.63 -24.26
C ARG A 633 15.75 9.10 -24.25
N PHE A 634 15.17 8.51 -25.29
CA PHE A 634 15.17 7.03 -25.48
C PHE A 634 16.60 6.50 -25.27
N GLU A 635 17.60 7.16 -25.85
CA GLU A 635 19.01 6.68 -25.88
C GLU A 635 19.58 6.59 -24.45
N ARG A 636 19.18 7.52 -23.58
CA ARG A 636 19.67 7.63 -22.17
C ARG A 636 18.80 6.84 -21.19
N LEU A 637 17.76 6.13 -21.64
CA LEU A 637 16.90 5.28 -20.76
C LEU A 637 17.73 4.07 -20.33
N GLU A 638 17.62 3.65 -19.06
CA GLU A 638 18.10 2.33 -18.58
C GLU A 638 17.42 1.24 -19.41
N THR A 639 18.00 0.03 -19.43
CA THR A 639 17.38 -1.15 -20.09
C THR A 639 16.26 -1.68 -19.18
N HIS A 640 16.46 -1.60 -17.86
CA HIS A 640 15.54 -2.15 -16.84
C HIS A 640 15.29 -1.12 -15.74
N MET A 641 14.09 -1.11 -15.15
CA MET A 641 13.84 -0.45 -13.84
C MET A 641 14.71 -1.19 -12.82
N THR A 642 15.19 -0.44 -11.84
CA THR A 642 15.68 -0.94 -10.54
C THR A 642 14.63 -1.88 -9.97
N PRO A 643 14.98 -3.13 -9.59
CA PRO A 643 14.08 -3.96 -8.80
C PRO A 643 13.78 -3.30 -7.45
N GLU A 644 12.59 -3.57 -6.92
CA GLU A 644 12.09 -2.88 -5.69
C GLU A 644 12.98 -3.25 -4.51
N MET A 645 13.55 -4.45 -4.53
CA MET A 645 14.47 -4.97 -3.47
C MET A 645 15.60 -3.95 -3.23
N PHE A 646 16.00 -3.16 -4.23
CA PHE A 646 17.12 -2.18 -4.16
C PHE A 646 16.65 -0.85 -3.54
N ARG A 647 15.35 -0.57 -3.44
CA ARG A 647 14.89 0.80 -3.10
C ARG A 647 13.63 0.78 -2.25
N THR A 648 13.48 -0.19 -1.36
CA THR A 648 12.30 -0.28 -0.46
C THR A 648 12.75 -0.60 0.96
N PRO A 649 12.18 0.05 1.99
CA PRO A 649 12.48 -0.29 3.37
C PRO A 649 12.13 -1.76 3.62
N LEU A 650 12.90 -2.41 4.49
CA LEU A 650 12.94 -3.90 4.62
C LEU A 650 12.45 -4.34 5.99
N HIS A 651 12.00 -3.42 6.84
CA HIS A 651 11.65 -3.75 8.23
C HIS A 651 10.47 -4.72 8.26
N GLU A 652 9.51 -4.61 7.35
CA GLU A 652 8.35 -5.54 7.32
C GLU A 652 8.84 -6.92 6.87
N ILE A 653 9.69 -6.99 5.84
CA ILE A 653 10.29 -8.29 5.44
C ILE A 653 11.14 -8.84 6.61
N ALA A 654 11.92 -8.01 7.29
CA ALA A 654 12.76 -8.45 8.44
C ALA A 654 11.86 -9.14 9.48
N LEU A 655 10.70 -8.57 9.82
CA LEU A 655 9.77 -9.17 10.81
C LEU A 655 9.22 -10.50 10.30
N SER A 656 8.93 -10.61 9.00
CA SER A 656 8.44 -11.87 8.39
C SER A 656 9.52 -12.95 8.52
N ILE A 657 10.77 -12.62 8.19
CA ILE A 657 11.94 -13.54 8.35
C ILE A 657 11.99 -14.05 9.80
N LYS A 658 11.80 -13.20 10.80
CA LYS A 658 11.89 -13.60 12.23
C LYS A 658 10.64 -14.36 12.69
N LEU A 659 9.44 -13.91 12.32
CA LEU A 659 8.18 -14.61 12.68
C LEU A 659 8.24 -16.04 12.15
N LEU A 660 8.76 -16.22 10.93
CA LEU A 660 8.83 -17.54 10.24
C LEU A 660 10.09 -18.30 10.64
N ARG A 661 10.97 -17.71 11.47
CA ARG A 661 12.14 -18.43 12.02
C ARG A 661 13.04 -18.89 10.85
N LEU A 662 13.28 -18.00 9.88
CA LEU A 662 14.10 -18.35 8.69
C LEU A 662 15.57 -17.98 8.98
N GLY A 663 15.84 -17.47 10.19
CA GLY A 663 17.22 -17.19 10.68
C GLY A 663 17.53 -15.71 10.69
N GLY A 664 18.79 -15.35 10.44
CA GLY A 664 19.28 -13.96 10.44
C GLY A 664 18.69 -13.17 9.28
N ILE A 665 18.35 -11.92 9.51
CA ILE A 665 17.82 -10.96 8.48
C ILE A 665 18.83 -10.84 7.33
N GLY A 666 20.07 -10.45 7.62
CA GLY A 666 21.11 -10.25 6.58
C GLY A 666 21.45 -11.54 5.88
N GLN A 667 21.56 -12.61 6.66
CA GLN A 667 21.85 -13.99 6.20
C GLN A 667 20.79 -14.44 5.18
N PHE A 668 19.51 -14.29 5.51
CA PHE A 668 18.41 -14.74 4.62
C PHE A 668 18.41 -13.90 3.34
N LEU A 669 18.44 -12.58 3.49
CA LEU A 669 18.41 -11.65 2.33
C LEU A 669 19.66 -11.78 1.44
N ALA A 670 20.78 -12.34 1.93
CA ALA A 670 21.99 -12.58 1.11
C ALA A 670 21.74 -13.70 0.10
N LYS A 671 20.69 -14.50 0.32
CA LYS A 671 20.31 -15.62 -0.57
C LYS A 671 19.29 -15.15 -1.62
N ALA A 672 18.83 -13.91 -1.60
CA ALA A 672 17.84 -13.43 -2.58
C ALA A 672 18.48 -13.46 -3.98
N ILE A 673 17.65 -13.57 -5.02
CA ILE A 673 18.09 -13.68 -6.44
C ILE A 673 18.96 -12.46 -6.76
N GLU A 674 18.56 -11.29 -6.27
CA GLU A 674 19.37 -10.04 -6.30
C GLU A 674 19.25 -9.40 -4.92
N PRO A 675 20.23 -9.62 -4.04
CA PRO A 675 20.15 -9.12 -2.67
C PRO A 675 20.01 -7.62 -2.59
N PRO A 676 19.33 -7.10 -1.54
CA PRO A 676 19.22 -5.66 -1.31
C PRO A 676 20.55 -5.09 -0.83
N PRO A 677 20.75 -3.76 -0.94
CA PRO A 677 21.98 -3.12 -0.51
C PRO A 677 22.15 -3.20 1.02
N LEU A 678 23.39 -3.33 1.46
CA LEU A 678 23.78 -3.39 2.89
C LEU A 678 23.03 -2.32 3.69
N ASP A 679 23.05 -1.04 3.28
CA ASP A 679 22.52 0.08 4.09
C ASP A 679 21.03 -0.14 4.47
N ALA A 680 20.22 -0.69 3.55
CA ALA A 680 18.79 -1.01 3.77
C ALA A 680 18.63 -2.06 4.88
N VAL A 681 19.48 -3.08 4.87
CA VAL A 681 19.45 -4.14 5.92
C VAL A 681 19.77 -3.50 7.27
N ILE A 682 20.82 -2.70 7.36
CA ILE A 682 21.29 -2.03 8.62
C ILE A 682 20.16 -1.12 9.15
N GLU A 683 19.49 -0.39 8.26
CA GLU A 683 18.36 0.51 8.60
C GLU A 683 17.16 -0.31 9.12
N ALA A 684 16.78 -1.43 8.51
CA ALA A 684 15.68 -2.28 9.00
C ALA A 684 16.00 -2.76 10.41
N GLU A 685 17.21 -3.25 10.63
CA GLU A 685 17.58 -3.83 11.94
C GLU A 685 17.57 -2.70 12.96
N HIS A 686 18.11 -1.54 12.60
CA HIS A 686 18.12 -0.35 13.49
C HIS A 686 16.67 0.02 13.88
N THR A 687 15.77 0.16 12.90
CA THR A 687 14.31 0.44 13.10
C THR A 687 13.69 -0.58 14.10
N LEU A 688 13.87 -1.87 13.89
CA LEU A 688 13.23 -2.89 14.77
C LEU A 688 13.86 -2.89 16.16
N ARG A 689 15.16 -2.60 16.27
CA ARG A 689 15.83 -2.49 17.60
C ARG A 689 15.29 -1.27 18.34
N GLU A 690 15.16 -0.11 17.67
CA GLU A 690 14.63 1.12 18.31
C GLU A 690 13.20 0.87 18.84
N LEU A 691 12.39 0.07 18.14
CA LEU A 691 10.98 -0.18 18.50
C LEU A 691 10.90 -1.19 19.64
N ASP A 692 11.99 -1.92 19.91
CA ASP A 692 12.07 -3.04 20.87
C ASP A 692 11.32 -4.24 20.30
N ALA A 693 11.28 -4.36 18.98
CA ALA A 693 10.73 -5.54 18.26
C ALA A 693 11.78 -6.65 18.24
N LEU A 694 13.05 -6.27 18.17
CA LEU A 694 14.21 -7.18 18.40
C LEU A 694 14.93 -6.77 19.70
N ASP A 695 15.37 -7.75 20.49
CA ASP A 695 16.25 -7.55 21.68
C ASP A 695 17.69 -7.27 21.21
N ALA A 696 18.62 -7.06 22.15
CA ALA A 696 20.06 -6.81 21.90
C ALA A 696 20.67 -7.92 21.01
N ASN A 697 20.23 -9.19 21.18
CA ASN A 697 20.67 -10.39 20.40
C ASN A 697 19.96 -10.53 19.04
N ASP A 698 19.10 -9.58 18.66
CA ASP A 698 18.41 -9.53 17.33
C ASP A 698 17.40 -10.68 17.20
N GLU A 699 16.89 -11.20 18.32
CA GLU A 699 15.81 -12.19 18.36
C GLU A 699 14.47 -11.48 18.62
N LEU A 700 13.39 -12.05 18.11
CA LEU A 700 12.03 -11.49 18.11
C LEU A 700 11.58 -11.39 19.57
N THR A 701 11.16 -10.20 20.01
CA THR A 701 10.53 -9.99 21.34
C THR A 701 9.04 -10.29 21.22
N PRO A 702 8.33 -10.52 22.35
CA PRO A 702 6.86 -10.59 22.32
C PRO A 702 6.22 -9.39 21.58
N LEU A 703 6.80 -8.20 21.76
CA LEU A 703 6.34 -6.99 21.03
C LEU A 703 6.51 -7.25 19.52
N GLY A 704 7.70 -7.67 19.10
CA GLY A 704 8.02 -7.88 17.68
C GLY A 704 7.04 -8.84 17.02
N ARG A 705 6.72 -9.90 17.75
CA ARG A 705 5.82 -11.00 17.32
C ARG A 705 4.46 -10.41 16.98
N ILE A 706 3.89 -9.62 17.90
CA ILE A 706 2.61 -8.88 17.66
C ILE A 706 2.76 -8.01 16.41
N LEU A 707 3.81 -7.19 16.31
CA LEU A 707 3.98 -6.28 15.14
C LEU A 707 4.10 -7.11 13.85
N ALA A 708 4.72 -8.29 13.91
CA ALA A 708 4.86 -9.19 12.74
C ALA A 708 3.50 -9.73 12.29
N LYS A 709 2.54 -9.88 13.23
CA LYS A 709 1.20 -10.45 12.95
C LYS A 709 0.23 -9.36 12.47
N LEU A 710 0.57 -8.08 12.63
CA LEU A 710 -0.30 -6.93 12.26
C LEU A 710 0.07 -6.43 10.87
N PRO A 711 -0.85 -6.44 9.88
CA PRO A 711 -0.53 -5.97 8.54
C PRO A 711 -0.60 -4.45 8.39
N ILE A 712 0.18 -3.73 9.22
CA ILE A 712 0.41 -2.25 9.17
C ILE A 712 1.86 -1.95 9.61
N GLU A 713 2.35 -0.78 9.24
CA GLU A 713 3.66 -0.24 9.65
C GLU A 713 3.86 -0.55 11.13
N PRO A 714 4.97 -1.25 11.50
CA PRO A 714 5.29 -1.60 12.88
C PRO A 714 5.08 -0.50 13.93
N ARG A 715 5.43 0.72 13.56
CA ARG A 715 5.32 1.87 14.47
C ARG A 715 3.84 2.10 14.80
N PHE A 716 2.94 1.96 13.81
CA PHE A 716 1.47 2.06 14.02
C PHE A 716 0.98 0.87 14.87
N GLY A 717 1.54 -0.33 14.66
CA GLY A 717 1.29 -1.51 15.52
C GLY A 717 1.63 -1.20 16.97
N LYS A 718 2.78 -0.58 17.24
CA LYS A 718 3.17 -0.22 18.62
C LYS A 718 2.19 0.82 19.15
N MET A 719 1.87 1.85 18.33
CA MET A 719 0.87 2.87 18.71
C MET A 719 -0.46 2.19 19.13
N MET A 720 -0.91 1.19 18.41
CA MET A 720 -2.17 0.45 18.73
C MET A 720 -2.03 -0.30 20.05
N ILE A 721 -0.91 -0.96 20.32
CA ILE A 721 -0.66 -1.60 21.66
C ILE A 721 -0.78 -0.51 22.76
N MET A 722 -0.20 0.66 22.53
CA MET A 722 -0.26 1.76 23.54
C MET A 722 -1.72 2.20 23.73
N GLY A 723 -2.50 2.28 22.65
CA GLY A 723 -3.94 2.62 22.70
C GLY A 723 -4.72 1.59 23.52
N CYS A 724 -4.37 0.32 23.44
CA CYS A 724 -4.99 -0.75 24.26
C CYS A 724 -4.74 -0.46 25.75
N ILE A 725 -3.51 -0.12 26.13
CA ILE A 725 -3.13 0.15 27.55
C ILE A 725 -3.94 1.32 28.09
N PHE A 726 -4.21 2.34 27.27
CA PHE A 726 -4.93 3.57 27.68
C PHE A 726 -6.45 3.43 27.52
N TYR A 727 -6.94 2.29 27.03
CA TYR A 727 -8.38 2.01 26.82
C TYR A 727 -8.93 2.96 25.76
N VAL A 728 -8.14 3.20 24.70
CA VAL A 728 -8.62 3.90 23.47
C VAL A 728 -8.26 3.06 22.22
N GLY A 729 -8.14 1.75 22.38
CA GLY A 729 -7.77 0.82 21.30
C GLY A 729 -8.57 0.99 20.02
N ASP A 730 -9.88 1.25 20.10
CA ASP A 730 -10.76 1.25 18.91
C ASP A 730 -10.39 2.46 18.05
N ALA A 731 -10.17 3.62 18.68
CA ALA A 731 -9.82 4.87 17.97
C ALA A 731 -8.46 4.70 17.28
N VAL A 732 -7.45 4.09 17.93
CA VAL A 732 -6.09 4.02 17.34
C VAL A 732 -6.08 2.97 16.22
N CYS A 733 -6.88 1.91 16.33
CA CYS A 733 -7.10 0.92 15.26
C CYS A 733 -7.77 1.58 14.05
N THR A 734 -8.67 2.54 14.26
CA THR A 734 -9.33 3.27 13.15
C THR A 734 -8.32 4.12 12.39
N ILE A 735 -7.47 4.84 13.11
CA ILE A 735 -6.42 5.71 12.50
C ILE A 735 -5.46 4.81 11.73
N SER A 736 -5.08 3.68 12.32
CA SER A 736 -4.10 2.74 11.73
C SER A 736 -4.70 2.17 10.43
N ALA A 737 -5.96 1.73 10.44
CA ALA A 737 -6.65 1.14 9.26
C ALA A 737 -6.69 2.17 8.13
N ALA A 738 -7.05 3.42 8.44
CA ALA A 738 -7.24 4.50 7.45
C ALA A 738 -5.95 4.78 6.65
N THR A 739 -4.76 4.47 7.18
CA THR A 739 -3.47 4.70 6.49
C THR A 739 -3.31 3.75 5.31
N CYS A 740 -4.14 2.70 5.24
CA CYS A 740 -4.08 1.66 4.20
C CYS A 740 -4.99 1.97 3.02
N PHE A 741 -5.75 3.09 3.07
CA PHE A 741 -6.84 3.40 2.11
C PHE A 741 -6.77 4.88 1.77
N PRO A 742 -7.34 5.31 0.63
CA PRO A 742 -7.40 6.73 0.33
C PRO A 742 -8.33 7.46 1.29
N GLU A 743 -8.17 8.79 1.34
CA GLU A 743 -9.00 9.71 2.14
C GLU A 743 -10.47 9.44 1.81
N PRO A 744 -11.37 9.26 2.80
CA PRO A 744 -12.80 9.22 2.51
C PRO A 744 -13.41 10.54 2.00
N PHE A 745 -12.79 11.68 2.29
CA PHE A 745 -13.26 12.99 1.77
C PHE A 745 -13.10 12.99 0.24
N ILE A 746 -14.19 13.24 -0.48
CA ILE A 746 -14.19 13.52 -1.94
C ILE A 746 -13.94 15.02 -2.12
N SER A 747 -12.67 15.42 -2.28
CA SER A 747 -12.24 16.83 -2.25
C SER A 747 -11.79 17.31 -3.64
N GLU A 748 -11.35 16.40 -4.51
CA GLU A 748 -11.02 16.69 -5.93
C GLU A 748 -9.73 17.52 -6.02
N GLY A 749 -8.78 17.32 -5.10
CA GLY A 749 -7.47 18.01 -5.07
C GLY A 749 -7.58 19.51 -4.90
N LYS A 750 -8.76 20.04 -4.56
CA LYS A 750 -8.95 21.45 -4.18
C LYS A 750 -9.12 21.53 -2.65
N ARG A 751 -9.06 22.74 -2.11
CA ARG A 751 -9.25 23.06 -0.66
C ARG A 751 -10.58 22.45 -0.19
N LEU A 752 -10.61 21.91 1.03
CA LEU A 752 -11.86 21.40 1.68
C LEU A 752 -12.83 22.56 1.83
N GLY A 753 -14.13 22.28 1.68
CA GLY A 753 -15.24 23.22 1.97
C GLY A 753 -15.73 23.06 3.39
N TYR A 754 -16.84 23.71 3.71
CA TYR A 754 -17.39 23.89 5.08
C TYR A 754 -17.77 22.54 5.72
N VAL A 755 -18.41 21.67 4.95
CA VAL A 755 -19.00 20.44 5.54
C VAL A 755 -17.83 19.57 6.01
N HIS A 756 -16.83 19.36 5.15
CA HIS A 756 -15.65 18.52 5.49
C HIS A 756 -14.93 19.15 6.70
N ARG A 757 -14.76 20.47 6.72
CA ARG A 757 -13.99 21.20 7.76
C ARG A 757 -14.68 21.03 9.11
N ASN A 758 -16.01 21.01 9.14
CA ASN A 758 -16.81 20.91 10.39
C ASN A 758 -16.52 19.59 11.11
N PHE A 759 -16.16 18.53 10.40
CA PHE A 759 -15.84 17.23 11.04
C PHE A 759 -14.62 17.37 11.98
N ALA A 760 -13.83 18.43 11.81
CA ALA A 760 -12.58 18.70 12.56
C ALA A 760 -12.89 19.23 13.96
N GLY A 761 -14.05 19.85 14.15
CA GLY A 761 -14.39 20.55 15.41
C GLY A 761 -13.40 21.67 15.67
N ASN A 762 -12.91 21.78 16.91
CA ASN A 762 -11.99 22.88 17.29
C ASN A 762 -10.56 22.34 17.48
N ARG A 763 -10.23 21.15 16.94
CA ARG A 763 -8.97 20.42 17.23
C ARG A 763 -7.85 20.69 16.22
N PHE A 764 -8.07 21.45 15.14
CA PHE A 764 -7.04 21.70 14.10
C PHE A 764 -6.39 20.36 13.68
N SER A 765 -7.20 19.34 13.41
CA SER A 765 -6.73 17.94 13.23
C SER A 765 -7.44 17.22 12.08
N ASP A 766 -6.70 16.81 11.06
CA ASP A 766 -7.23 15.95 9.96
C ASP A 766 -7.60 14.59 10.57
N HIS A 767 -6.85 14.09 11.55
CA HIS A 767 -7.12 12.77 12.18
C HIS A 767 -8.43 12.83 12.98
N VAL A 768 -8.69 13.94 13.66
CA VAL A 768 -9.95 14.15 14.40
C VAL A 768 -11.11 14.20 13.39
N ALA A 769 -10.92 14.87 12.24
CA ALA A 769 -11.94 14.96 11.15
C ALA A 769 -12.31 13.53 10.72
N LEU A 770 -11.31 12.68 10.51
CA LEU A 770 -11.45 11.28 10.07
C LEU A 770 -12.22 10.47 11.10
N LEU A 771 -11.79 10.48 12.36
CA LEU A 771 -12.52 9.77 13.45
C LEU A 771 -13.96 10.30 13.56
N SER A 772 -14.20 11.61 13.36
CA SER A 772 -15.57 12.20 13.43
C SER A 772 -16.42 11.73 12.23
N VAL A 773 -15.87 11.55 11.02
CA VAL A 773 -16.71 11.04 9.88
C VAL A 773 -17.03 9.57 10.16
N PHE A 774 -16.09 8.78 10.70
CA PHE A 774 -16.36 7.35 11.05
C PHE A 774 -17.50 7.24 12.06
N GLN A 775 -17.54 8.10 13.08
CA GLN A 775 -18.60 8.09 14.11
C GLN A 775 -19.95 8.49 13.47
N ALA A 776 -20.00 9.59 12.71
CA ALA A 776 -21.23 10.07 12.03
C ALA A 776 -21.75 8.98 11.06
N TRP A 777 -20.88 8.38 10.24
CA TRP A 777 -21.21 7.36 9.21
C TRP A 777 -21.74 6.09 9.87
N ASP A 778 -21.07 5.61 10.93
CA ASP A 778 -21.50 4.37 11.65
C ASP A 778 -22.92 4.61 12.19
N ASP A 779 -23.18 5.79 12.77
CA ASP A 779 -24.53 6.18 13.26
C ASP A 779 -25.53 6.18 12.09
N ALA A 780 -25.23 6.82 10.95
CA ALA A 780 -26.16 6.94 9.80
C ALA A 780 -26.49 5.57 9.21
N ARG A 781 -25.56 4.60 9.33
CA ARG A 781 -25.69 3.20 8.86
C ARG A 781 -26.77 2.39 9.60
N MET A 782 -27.13 2.78 10.82
CA MET A 782 -28.20 2.09 11.59
C MET A 782 -29.53 2.17 10.83
N GLY A 783 -29.73 3.21 10.02
CA GLY A 783 -30.93 3.42 9.17
C GLY A 783 -30.99 2.48 7.96
N GLY A 784 -29.93 1.73 7.67
CA GLY A 784 -29.88 0.78 6.55
C GLY A 784 -29.08 1.32 5.37
N GLU A 785 -29.01 0.56 4.27
CA GLU A 785 -28.11 0.82 3.12
C GLU A 785 -28.43 2.18 2.48
N GLU A 786 -29.71 2.53 2.32
CA GLU A 786 -30.09 3.73 1.54
C GLU A 786 -29.75 4.98 2.37
N ALA A 787 -29.98 4.92 3.67
CA ALA A 787 -29.58 5.97 4.63
C ALA A 787 -28.06 6.16 4.59
N GLU A 788 -27.30 5.07 4.45
CA GLU A 788 -25.81 5.07 4.39
C GLU A 788 -25.42 5.77 3.08
N ILE A 789 -26.05 5.37 1.96
CA ILE A 789 -25.74 5.91 0.60
C ILE A 789 -26.02 7.41 0.58
N ARG A 790 -27.14 7.84 1.17
CA ARG A 790 -27.58 9.26 1.19
C ARG A 790 -26.66 10.08 2.09
N PHE A 791 -26.29 9.53 3.25
CA PHE A 791 -25.33 10.17 4.16
C PHE A 791 -24.06 10.50 3.37
N CYS A 792 -23.49 9.53 2.68
CA CYS A 792 -22.19 9.65 1.97
C CYS A 792 -22.33 10.63 0.78
N GLU A 793 -23.49 10.67 0.13
CA GLU A 793 -23.73 11.54 -1.05
C GLU A 793 -23.88 12.99 -0.58
N HIS A 794 -24.71 13.23 0.43
CA HIS A 794 -24.93 14.58 1.01
C HIS A 794 -23.62 15.16 1.58
N LYS A 795 -22.76 14.32 2.16
CA LYS A 795 -21.53 14.80 2.87
C LYS A 795 -20.31 14.65 1.96
N ARG A 796 -20.45 14.19 0.72
CA ARG A 796 -19.32 14.04 -0.25
C ARG A 796 -18.29 13.05 0.32
N LEU A 797 -18.74 11.84 0.68
CA LEU A 797 -17.88 10.79 1.28
C LEU A 797 -17.85 9.58 0.36
N ASN A 798 -16.68 8.95 0.25
CA ASN A 798 -16.49 7.71 -0.52
C ASN A 798 -16.93 6.52 0.36
N MET A 799 -18.11 5.96 0.09
CA MET A 799 -18.73 4.88 0.89
C MET A 799 -17.82 3.65 0.93
N ALA A 800 -17.30 3.21 -0.21
CA ALA A 800 -16.48 1.99 -0.32
C ALA A 800 -15.26 2.13 0.59
N THR A 801 -14.67 3.32 0.65
CA THR A 801 -13.48 3.62 1.49
C THR A 801 -13.86 3.45 2.97
N LEU A 802 -14.95 4.07 3.41
CA LEU A 802 -15.39 3.99 4.84
C LEU A 802 -15.62 2.51 5.20
N ARG A 803 -16.34 1.76 4.35
CA ARG A 803 -16.65 0.32 4.62
C ARG A 803 -15.37 -0.52 4.65
N MET A 804 -14.47 -0.35 3.68
CA MET A 804 -13.19 -1.13 3.64
C MET A 804 -12.33 -0.81 4.89
N THR A 805 -12.33 0.44 5.35
CA THR A 805 -11.52 0.88 6.53
C THR A 805 -12.11 0.26 7.79
N TRP A 806 -13.42 0.30 7.94
CA TRP A 806 -14.12 -0.30 9.09
C TRP A 806 -13.72 -1.78 9.15
N GLU A 807 -13.87 -2.49 8.03
CA GLU A 807 -13.54 -3.94 7.94
C GLU A 807 -12.07 -4.19 8.36
N ALA A 808 -11.14 -3.35 7.90
CA ALA A 808 -9.70 -3.41 8.24
C ALA A 808 -9.54 -3.21 9.76
N LYS A 809 -10.24 -2.22 10.33
CA LYS A 809 -10.21 -1.92 11.78
C LYS A 809 -10.66 -3.16 12.57
N VAL A 810 -11.74 -3.80 12.12
CA VAL A 810 -12.31 -5.02 12.76
C VAL A 810 -11.23 -6.10 12.75
N GLN A 811 -10.51 -6.30 11.64
CA GLN A 811 -9.50 -7.38 11.52
C GLN A 811 -8.29 -7.10 12.44
N LEU A 812 -7.87 -5.83 12.58
CA LEU A 812 -6.72 -5.45 13.43
C LEU A 812 -7.07 -5.76 14.89
N LYS A 813 -8.25 -5.32 15.32
CA LYS A 813 -8.82 -5.58 16.67
C LYS A 813 -8.82 -7.09 16.96
N GLU A 814 -9.29 -7.90 16.02
CA GLU A 814 -9.32 -9.39 16.12
C GLU A 814 -7.90 -9.91 16.38
N ILE A 815 -6.89 -9.46 15.65
CA ILE A 815 -5.49 -9.95 15.84
C ILE A 815 -5.01 -9.57 17.27
N LEU A 816 -5.36 -8.39 17.80
CA LEU A 816 -5.01 -8.00 19.20
C LEU A 816 -5.76 -8.92 20.18
N ILE A 817 -7.06 -9.20 19.97
CA ILE A 817 -7.87 -10.07 20.88
C ILE A 817 -7.15 -11.41 20.98
N ASN A 818 -6.79 -12.00 19.84
CA ASN A 818 -6.15 -13.35 19.73
C ASN A 818 -4.71 -13.33 20.26
N SER A 819 -4.12 -12.15 20.50
CA SER A 819 -2.78 -11.98 21.14
C SER A 819 -2.96 -11.76 22.65
N GLY A 820 -4.20 -11.82 23.13
CA GLY A 820 -4.55 -11.83 24.56
C GLY A 820 -4.91 -10.45 25.09
N PHE A 821 -5.11 -9.48 24.20
CA PHE A 821 -5.59 -8.14 24.62
C PHE A 821 -7.06 -8.32 25.00
N PRO A 822 -7.52 -7.72 26.11
CA PRO A 822 -8.93 -7.82 26.51
C PRO A 822 -9.90 -6.99 25.66
N GLU A 823 -11.07 -7.57 25.41
CA GLU A 823 -12.17 -6.97 24.63
C GLU A 823 -12.43 -5.54 25.09
N ASP A 824 -12.45 -5.28 26.39
CA ASP A 824 -12.98 -4.00 26.93
C ASP A 824 -12.01 -2.83 26.72
N CYS A 825 -10.76 -3.05 26.27
CA CYS A 825 -9.80 -1.96 25.92
C CYS A 825 -9.97 -1.55 24.45
N LEU A 826 -10.86 -2.23 23.72
CA LEU A 826 -11.01 -2.08 22.24
C LEU A 826 -12.45 -1.74 21.85
N LEU A 827 -13.28 -1.24 22.78
CA LEU A 827 -14.71 -0.90 22.50
C LEU A 827 -14.82 0.51 21.88
N THR A 828 -15.76 0.68 20.96
CA THR A 828 -16.07 1.98 20.34
C THR A 828 -16.46 2.92 21.48
N GLN A 829 -15.95 4.14 21.48
CA GLN A 829 -16.19 5.14 22.54
C GLN A 829 -16.68 6.41 21.88
N VAL A 830 -17.86 6.87 22.28
CA VAL A 830 -18.44 8.14 21.79
C VAL A 830 -17.47 9.23 22.24
N PHE A 831 -17.25 10.23 21.40
CA PHE A 831 -16.42 11.40 21.75
C PHE A 831 -17.00 12.64 21.10
N THR A 832 -16.67 13.78 21.66
CA THR A 832 -16.98 15.10 21.09
C THR A 832 -15.68 15.67 20.50
N ASN A 833 -15.78 16.41 19.38
CA ASN A 833 -14.62 17.06 18.72
C ASN A 833 -14.57 18.54 19.09
N THR A 834 -15.40 19.03 20.03
CA THR A 834 -15.40 20.46 20.51
C THR A 834 -15.26 20.60 22.03
N GLY A 835 -15.92 19.73 22.81
CA GLY A 835 -15.91 19.77 24.28
C GLY A 835 -14.69 19.04 24.85
N PRO A 836 -14.45 19.14 26.18
CA PRO A 836 -13.38 18.38 26.82
C PRO A 836 -13.55 16.89 26.54
N ASP A 837 -12.48 16.21 26.12
CA ASP A 837 -12.48 14.75 25.84
C ASP A 837 -11.07 14.19 26.06
N ASN A 838 -10.85 13.56 27.23
CA ASN A 838 -9.53 13.05 27.67
C ASN A 838 -9.16 11.81 26.85
N ASN A 839 -10.14 11.07 26.37
CA ASN A 839 -9.89 9.90 25.47
C ASN A 839 -9.24 10.40 24.18
N LEU A 840 -9.83 11.43 23.56
CA LEU A 840 -9.37 12.05 22.28
C LEU A 840 -7.99 12.67 22.49
N ASP A 841 -7.79 13.41 23.58
CA ASP A 841 -6.48 13.97 24.02
C ASP A 841 -5.41 12.88 23.98
N VAL A 842 -5.69 11.71 24.56
CA VAL A 842 -4.71 10.59 24.62
C VAL A 842 -4.47 10.10 23.19
N VAL A 843 -5.53 9.93 22.38
CA VAL A 843 -5.40 9.41 20.99
C VAL A 843 -4.42 10.31 20.24
N ILE A 844 -4.59 11.62 20.38
CA ILE A 844 -3.70 12.60 19.70
C ILE A 844 -2.26 12.48 20.26
N SER A 845 -2.07 12.26 21.56
CA SER A 845 -0.72 11.97 22.12
C SER A 845 -0.14 10.77 21.39
N LEU A 846 -0.91 9.68 21.30
CA LEU A 846 -0.44 8.43 20.66
C LEU A 846 -0.21 8.64 19.16
N LEU A 847 -1.00 9.49 18.50
CA LEU A 847 -0.78 9.79 17.06
C LEU A 847 0.64 10.39 16.89
N ALA A 848 1.04 11.32 17.76
CA ALA A 848 2.39 11.93 17.76
C ALA A 848 3.45 10.82 17.79
N PHE A 849 3.29 9.85 18.67
CA PHE A 849 4.20 8.68 18.71
C PHE A 849 4.18 8.00 17.34
N GLY A 850 2.99 7.67 16.82
CA GLY A 850 2.84 6.85 15.59
C GLY A 850 3.55 7.43 14.37
N VAL A 851 3.50 8.76 14.20
CA VAL A 851 3.91 9.41 12.91
C VAL A 851 5.32 10.02 13.03
N TYR A 852 5.92 10.03 14.22
CA TYR A 852 7.33 10.46 14.43
C TYR A 852 8.21 9.82 13.37
N PRO A 853 9.21 10.53 12.78
CA PRO A 853 9.57 11.89 13.18
C PRO A 853 8.87 13.07 12.50
N ASN A 854 7.65 12.89 11.99
CA ASN A 854 6.91 13.95 11.25
C ASN A 854 6.36 14.95 12.27
N VAL A 855 7.17 15.94 12.62
CA VAL A 855 6.82 17.12 13.46
C VAL A 855 7.18 18.36 12.66
N CYS A 856 6.43 19.44 12.83
CA CYS A 856 6.71 20.72 12.15
C CYS A 856 6.24 21.89 13.02
N TYR A 857 6.67 23.09 12.62
CA TYR A 857 6.47 24.37 13.34
C TYR A 857 5.88 25.36 12.32
N HIS A 858 4.67 25.84 12.57
CA HIS A 858 3.98 26.81 11.69
C HIS A 858 4.64 28.20 11.81
N LYS A 859 5.14 28.75 10.70
CA LYS A 859 5.66 30.14 10.61
C LYS A 859 4.48 31.10 10.45
N GLU A 860 3.86 31.13 9.27
CA GLU A 860 2.72 32.01 8.89
C GLU A 860 2.06 31.45 7.63
N LYS A 861 0.77 31.70 7.45
CA LYS A 861 0.01 31.19 6.28
C LYS A 861 0.25 29.68 6.19
N ARG A 862 0.74 29.21 5.04
CA ARG A 862 0.88 27.77 4.68
C ARG A 862 2.32 27.30 4.95
N LYS A 863 3.22 28.18 5.38
CA LYS A 863 4.67 27.85 5.51
C LYS A 863 4.94 27.22 6.89
N ILE A 864 5.60 26.08 6.90
CA ILE A 864 6.00 25.35 8.13
C ILE A 864 7.49 25.07 8.06
N LEU A 865 8.14 24.91 9.21
CA LEU A 865 9.54 24.47 9.34
C LEU A 865 9.54 22.99 9.74
N THR A 866 10.30 22.15 9.02
CA THR A 866 10.43 20.69 9.25
C THR A 866 11.59 20.40 10.23
N THR A 867 11.82 19.13 10.58
CA THR A 867 12.81 18.70 11.60
C THR A 867 14.23 18.86 11.06
N GLU A 868 14.41 18.91 9.74
CA GLU A 868 15.76 19.08 9.13
C GLU A 868 16.04 20.58 8.95
N GLY A 869 15.22 21.45 9.54
CA GLY A 869 15.40 22.92 9.57
C GLY A 869 14.79 23.60 8.35
N ARG A 870 14.32 22.85 7.35
CA ARG A 870 13.97 23.38 5.99
C ARG A 870 12.49 23.83 5.93
N ASN A 871 12.16 24.68 4.95
CA ASN A 871 10.79 25.24 4.74
C ASN A 871 9.91 24.18 4.07
N ALA A 872 8.59 24.26 4.29
CA ALA A 872 7.58 23.33 3.77
C ALA A 872 6.19 23.99 3.81
N LEU A 873 5.23 23.41 3.07
CA LEU A 873 3.83 23.93 2.87
C LEU A 873 2.81 23.03 3.58
N ILE A 874 1.79 23.64 4.20
CA ILE A 874 0.56 22.95 4.72
C ILE A 874 -0.20 22.42 3.49
N HIS A 875 -0.44 21.11 3.43
CA HIS A 875 -1.05 20.47 2.23
C HIS A 875 -2.44 21.06 2.02
N LYS A 876 -2.80 21.35 0.76
CA LYS A 876 -4.03 22.08 0.34
C LYS A 876 -5.27 21.40 0.93
N SER A 877 -5.25 20.06 1.02
CA SER A 877 -6.38 19.19 1.42
C SER A 877 -6.62 19.24 2.93
N SER A 878 -5.70 19.82 3.72
CA SER A 878 -5.79 19.81 5.20
C SER A 878 -6.90 20.74 5.69
N VAL A 879 -7.61 20.33 6.75
CA VAL A 879 -8.52 21.21 7.53
C VAL A 879 -7.72 22.40 8.06
N ASN A 880 -6.40 22.28 8.14
CA ASN A 880 -5.51 23.35 8.65
C ASN A 880 -5.07 24.26 7.50
N CYS A 881 -5.36 23.93 6.24
CA CYS A 881 -5.10 24.84 5.10
C CYS A 881 -6.16 25.93 5.10
N PRO A 882 -5.77 27.22 5.17
CA PRO A 882 -6.73 28.33 5.06
C PRO A 882 -7.63 28.21 3.81
N PHE A 883 -8.95 28.32 3.98
CA PHE A 883 -9.95 28.30 2.87
C PHE A 883 -9.63 29.46 1.91
N SER A 884 -9.33 30.65 2.43
CA SER A 884 -9.11 31.88 1.62
C SER A 884 -7.94 32.69 2.20
N SER A 885 -8.17 33.98 2.46
CA SER A 885 -7.16 34.98 2.89
C SER A 885 -7.14 35.14 4.42
N GLN A 886 -8.23 34.76 5.09
CA GLN A 886 -8.37 34.83 6.58
C GLN A 886 -7.35 33.85 7.18
N ASP A 887 -6.48 34.33 8.08
CA ASP A 887 -5.39 33.53 8.67
C ASP A 887 -5.96 32.74 9.85
N MET A 888 -5.51 31.49 10.03
CA MET A 888 -5.87 30.61 11.17
C MET A 888 -5.13 31.10 12.43
N LYS A 889 -5.77 31.01 13.60
CA LYS A 889 -5.16 31.37 14.90
C LYS A 889 -4.95 30.07 15.70
N TYR A 890 -3.84 29.39 15.39
CA TYR A 890 -3.36 28.15 16.05
C TYR A 890 -2.97 28.47 17.49
N PRO A 891 -3.57 27.80 18.51
CA PRO A 891 -3.17 27.98 19.91
C PRO A 891 -1.81 27.33 20.22
N SER A 892 -1.28 26.55 19.28
CA SER A 892 0.10 26.03 19.31
C SER A 892 0.62 25.98 17.88
N PRO A 893 1.93 26.17 17.67
CA PRO A 893 2.49 26.10 16.33
C PRO A 893 3.01 24.70 15.94
N PHE A 894 2.89 23.72 16.85
CA PHE A 894 3.45 22.35 16.67
C PHE A 894 2.38 21.45 16.05
N PHE A 895 2.73 20.74 14.98
CA PHE A 895 1.85 19.84 14.19
C PHE A 895 2.61 18.53 13.94
N VAL A 896 1.96 17.38 14.18
CA VAL A 896 2.41 16.05 13.68
C VAL A 896 1.59 15.74 12.41
N PHE A 897 2.08 14.86 11.53
CA PHE A 897 1.44 14.66 10.21
C PHE A 897 1.83 13.31 9.63
N GLY A 898 0.97 12.77 8.77
CA GLY A 898 1.03 11.37 8.32
C GLY A 898 2.21 11.13 7.40
N GLU A 899 2.47 12.04 6.46
CA GLU A 899 3.60 11.89 5.51
C GLU A 899 4.15 13.27 5.11
N LYS A 900 5.48 13.34 5.07
CA LYS A 900 6.28 14.44 4.48
C LYS A 900 6.42 14.11 3.00
N ILE A 901 5.89 14.96 2.10
CA ILE A 901 5.83 14.68 0.63
C ILE A 901 6.74 15.65 -0.12
N ARG A 902 7.63 15.12 -0.97
CA ARG A 902 8.52 15.90 -1.88
C ARG A 902 7.86 15.94 -3.26
N THR A 903 7.44 17.13 -3.69
CA THR A 903 7.03 17.47 -5.08
C THR A 903 7.97 18.58 -5.59
N ARG A 904 7.41 19.70 -6.08
CA ARG A 904 8.16 20.96 -6.38
C ARG A 904 8.67 21.51 -5.05
N ALA A 905 7.85 21.41 -4.00
CA ALA A 905 8.15 21.82 -2.59
C ALA A 905 7.86 20.67 -1.63
N ILE A 906 8.21 20.87 -0.36
CA ILE A 906 7.97 19.90 0.75
C ILE A 906 6.62 20.19 1.39
N SER A 907 5.72 19.20 1.44
CA SER A 907 4.34 19.33 1.99
C SER A 907 4.14 18.39 3.19
N ALA A 908 3.44 18.88 4.22
CA ALA A 908 2.92 18.06 5.33
C ALA A 908 1.45 17.75 5.06
N LYS A 909 1.10 16.49 4.87
CA LYS A 909 -0.27 16.00 4.57
C LYS A 909 -0.80 15.12 5.71
N GLY A 910 -2.06 15.33 6.09
CA GLY A 910 -2.68 14.71 7.28
C GLY A 910 -2.09 15.29 8.56
N MET A 911 -2.55 16.47 8.98
CA MET A 911 -1.90 17.32 10.01
C MET A 911 -2.75 17.37 11.28
N THR A 912 -2.13 17.18 12.43
CA THR A 912 -2.78 17.30 13.75
C THR A 912 -1.93 18.19 14.66
N LEU A 913 -2.54 19.27 15.14
CA LEU A 913 -2.01 20.17 16.18
C LEU A 913 -1.72 19.35 17.45
N VAL A 914 -0.56 19.58 18.05
CA VAL A 914 -0.17 18.99 19.36
C VAL A 914 0.34 20.13 20.24
N THR A 915 0.29 19.95 21.56
CA THR A 915 0.88 20.90 22.53
C THR A 915 2.38 20.59 22.66
N PRO A 916 3.18 21.54 23.19
CA PRO A 916 4.60 21.31 23.47
C PRO A 916 4.83 20.15 24.46
N LEU A 917 3.91 19.93 25.40
CA LEU A 917 3.96 18.77 26.32
C LEU A 917 3.91 17.47 25.52
N GLN A 918 3.05 17.43 24.49
CA GLN A 918 2.88 16.21 23.65
C GLN A 918 4.10 16.03 22.76
N LEU A 919 4.63 17.11 22.19
CA LEU A 919 5.94 17.11 21.49
C LEU A 919 7.00 16.39 22.34
N LEU A 920 7.20 16.85 23.58
CA LEU A 920 8.25 16.32 24.49
C LEU A 920 7.97 14.86 24.86
N LEU A 921 6.70 14.51 25.08
CA LEU A 921 6.35 13.15 25.57
C LEU A 921 6.53 12.12 24.46
N PHE A 922 6.03 12.38 23.24
CA PHE A 922 5.90 11.30 22.22
C PHE A 922 6.50 11.67 20.85
N ALA A 923 6.76 12.94 20.55
CA ALA A 923 7.33 13.39 19.25
C ALA A 923 8.76 13.94 19.41
N SER A 924 9.59 13.24 20.18
CA SER A 924 10.97 13.68 20.58
C SER A 924 11.84 12.47 20.88
N LYS A 925 12.95 12.29 20.17
CA LYS A 925 13.89 11.18 20.49
C LYS A 925 14.96 11.69 21.46
N LYS A 926 15.36 12.96 21.33
CA LYS A 926 16.53 13.54 22.04
C LYS A 926 16.25 15.00 22.44
N VAL A 927 16.52 15.33 23.70
CA VAL A 927 16.23 16.63 24.37
C VAL A 927 17.44 17.06 25.20
N GLN A 928 18.11 18.16 24.84
CA GLN A 928 19.25 18.76 25.61
C GLN A 928 18.76 20.00 26.35
N SER A 929 19.09 20.13 27.65
CA SER A 929 18.70 21.28 28.50
C SER A 929 19.95 22.03 28.99
N ASP A 930 19.88 23.38 29.00
CA ASP A 930 20.93 24.28 29.56
C ASP A 930 20.48 24.85 30.92
N GLY A 931 19.28 24.49 31.38
CA GLY A 931 18.71 24.94 32.65
C GLY A 931 17.48 25.80 32.47
N GLN A 932 17.44 26.60 31.40
CA GLN A 932 16.32 27.53 31.06
C GLN A 932 15.63 27.09 29.76
N ILE A 933 16.44 26.67 28.78
CA ILE A 933 16.03 26.34 27.39
C ILE A 933 16.35 24.85 27.14
N VAL A 934 15.48 24.13 26.44
CA VAL A 934 15.71 22.73 25.98
C VAL A 934 15.67 22.76 24.46
N LEU A 935 16.52 21.95 23.83
CA LEU A 935 16.64 21.78 22.36
C LEU A 935 16.15 20.37 22.02
N VAL A 936 15.16 20.28 21.13
CA VAL A 936 14.47 19.02 20.80
C VAL A 936 14.96 18.59 19.41
N ASP A 937 15.58 17.42 19.33
CA ASP A 937 16.14 16.80 18.08
C ASP A 937 16.84 17.85 17.19
N ASP A 938 17.51 18.84 17.81
CA ASP A 938 18.46 19.80 17.16
C ASP A 938 17.77 20.75 16.17
N TRP A 939 16.44 20.91 16.22
CA TRP A 939 15.68 21.71 15.22
C TRP A 939 14.75 22.74 15.90
N ILE A 940 14.37 22.58 17.17
CA ILE A 940 13.42 23.53 17.82
C ILE A 940 13.73 23.64 19.32
N ARG A 941 13.46 24.82 19.87
CA ARG A 941 13.82 25.19 21.26
C ARG A 941 12.53 25.57 22.01
N LEU A 942 12.41 25.10 23.26
CA LEU A 942 11.30 25.45 24.17
C LEU A 942 11.91 26.13 25.39
N GLN A 943 11.26 27.20 25.85
CA GLN A 943 11.50 27.82 27.17
C GLN A 943 10.61 27.11 28.18
N ILE A 944 11.18 26.20 28.96
CA ILE A 944 10.41 25.32 29.88
C ILE A 944 11.34 24.87 30.99
N SER A 945 10.84 24.81 32.22
CA SER A 945 11.61 24.34 33.39
C SER A 945 12.32 23.04 33.02
N HIS A 946 13.59 22.90 33.39
CA HIS A 946 14.40 21.68 33.20
C HIS A 946 13.66 20.49 33.84
N GLU A 947 13.08 20.70 35.03
CA GLU A 947 12.50 19.62 35.85
C GLU A 947 11.29 19.02 35.13
N ALA A 948 10.44 19.88 34.56
CA ALA A 948 9.20 19.46 33.85
C ALA A 948 9.60 18.61 32.64
N ALA A 949 10.53 19.08 31.82
CA ALA A 949 11.02 18.38 30.60
C ALA A 949 11.66 17.02 30.99
N ALA A 950 12.41 16.98 32.09
CA ALA A 950 13.07 15.74 32.57
C ALA A 950 12.00 14.76 33.09
N CYS A 951 11.00 15.27 33.78
CA CYS A 951 9.85 14.45 34.26
C CYS A 951 9.08 13.86 33.06
N ILE A 952 8.96 14.59 31.96
CA ILE A 952 8.12 14.16 30.81
C ILE A 952 8.87 13.08 30.02
N THR A 953 10.19 13.23 29.88
CA THR A 953 11.11 12.19 29.35
C THR A 953 11.06 10.93 30.22
N ALA A 954 10.98 11.06 31.54
CA ALA A 954 10.90 9.88 32.46
C ALA A 954 9.56 9.17 32.25
N LEU A 955 8.49 9.93 32.03
CA LEU A 955 7.15 9.33 31.73
C LEU A 955 7.26 8.49 30.46
N ARG A 956 7.94 9.00 29.43
CA ARG A 956 8.08 8.25 28.16
CA ARG A 956 8.14 8.28 28.15
C ARG A 956 8.77 6.92 28.45
N ALA A 957 9.90 6.93 29.17
CA ALA A 957 10.72 5.74 29.49
C ALA A 957 9.87 4.76 30.29
N ALA A 958 9.09 5.25 31.26
CA ALA A 958 8.20 4.43 32.10
C ALA A 958 7.14 3.75 31.22
N MET A 959 6.59 4.50 30.26
CA MET A 959 5.52 4.03 29.35
C MET A 959 6.11 2.93 28.45
N GLU A 960 7.31 3.19 27.93
CA GLU A 960 8.07 2.20 27.10
C GLU A 960 8.24 0.89 27.86
N ALA A 961 8.58 0.96 29.16
CA ALA A 961 8.84 -0.23 30.01
C ALA A 961 7.52 -0.96 30.29
N LEU A 962 6.40 -0.25 30.33
CA LEU A 962 5.06 -0.87 30.55
C LEU A 962 4.66 -1.62 29.27
N VAL A 963 4.95 -1.04 28.12
CA VAL A 963 4.66 -1.67 26.81
C VAL A 963 5.41 -3.00 26.79
N VAL A 964 6.68 -3.04 27.21
CA VAL A 964 7.47 -4.30 27.25
C VAL A 964 6.73 -5.33 28.12
N GLU A 965 6.34 -4.96 29.34
CA GLU A 965 5.63 -5.83 30.32
C GLU A 965 4.29 -6.29 29.74
N VAL A 966 3.53 -5.37 29.15
CA VAL A 966 2.16 -5.66 28.64
C VAL A 966 2.27 -6.67 27.50
N THR A 967 3.32 -6.62 26.68
CA THR A 967 3.46 -7.54 25.52
C THR A 967 3.83 -8.95 26.00
N LYS A 968 4.50 -9.11 27.14
CA LYS A 968 4.80 -10.43 27.75
C LYS A 968 3.50 -11.04 28.31
N GLN A 969 2.55 -10.20 28.73
CA GLN A 969 1.32 -10.62 29.45
C GLN A 969 0.22 -9.57 29.22
N PRO A 970 -0.46 -9.56 28.06
CA PRO A 970 -1.38 -8.46 27.73
C PRO A 970 -2.55 -8.26 28.70
N ASN A 971 -2.90 -9.30 29.46
CA ASN A 971 -4.06 -9.27 30.38
C ASN A 971 -3.73 -8.42 31.63
N ILE A 972 -2.47 -7.99 31.81
CA ILE A 972 -2.14 -7.00 32.88
C ILE A 972 -2.82 -5.66 32.57
N ILE A 973 -3.21 -5.43 31.31
CA ILE A 973 -4.03 -4.24 30.94
C ILE A 973 -5.26 -4.26 31.86
N SER A 974 -5.86 -5.44 32.06
CA SER A 974 -7.13 -5.67 32.81
C SER A 974 -6.95 -5.38 34.30
N GLN A 975 -5.79 -5.70 34.87
CA GLN A 975 -5.50 -5.62 36.34
C GLN A 975 -5.64 -4.20 36.89
N LEU A 976 -5.42 -3.20 36.03
CA LEU A 976 -5.36 -1.76 36.40
C LEU A 976 -4.53 -1.62 37.69
N ASP A 977 -3.33 -2.24 37.72
CA ASP A 977 -2.37 -2.16 38.84
C ASP A 977 -2.15 -0.69 39.21
N PRO A 978 -2.25 -0.28 40.50
CA PRO A 978 -2.27 1.15 40.85
C PRO A 978 -0.95 1.90 40.58
N VAL A 979 0.21 1.23 40.63
CA VAL A 979 1.52 1.86 40.30
C VAL A 979 1.56 2.19 38.80
N ASN A 980 0.91 1.39 37.96
CA ASN A 980 0.87 1.62 36.49
C ASN A 980 -0.07 2.79 36.24
N GLU A 981 -1.23 2.76 36.88
CA GLU A 981 -2.34 3.74 36.67
C GLU A 981 -1.84 5.14 37.05
N HIS A 982 -0.99 5.26 38.07
CA HIS A 982 -0.45 6.54 38.57
C HIS A 982 0.38 7.19 37.46
N MET A 983 1.16 6.41 36.72
CA MET A 983 2.00 6.89 35.59
C MET A 983 1.09 7.24 34.41
N LEU A 984 0.12 6.38 34.10
CA LEU A 984 -0.82 6.55 32.96
C LEU A 984 -1.66 7.81 33.17
N ASN A 985 -2.17 8.04 34.39
CA ASN A 985 -3.02 9.20 34.72
C ASN A 985 -2.23 10.50 34.52
N MET A 986 -0.92 10.49 34.77
CA MET A 986 -0.08 11.69 34.54
C MET A 986 0.08 11.94 33.02
N ILE A 987 0.30 10.90 32.21
CA ILE A 987 0.27 11.07 30.72
C ILE A 987 -1.10 11.58 30.26
N ARG A 988 -2.20 11.05 30.84
CA ARG A 988 -3.59 11.45 30.51
C ARG A 988 -3.72 12.95 30.79
N GLN A 989 -3.13 13.41 31.90
CA GLN A 989 -3.20 14.83 32.36
C GLN A 989 -2.42 15.74 31.39
N ILE A 990 -1.20 15.36 30.98
CA ILE A 990 -0.36 16.24 30.11
C ILE A 990 -0.80 16.11 28.64
N SER A 991 -1.79 15.27 28.34
CA SER A 991 -2.41 15.19 26.99
C SER A 991 -3.50 16.26 26.88
N ARG A 992 -3.87 16.93 27.98
CA ARG A 992 -4.96 17.92 27.98
C ARG A 992 -4.45 19.20 27.35
N PRO A 993 -5.24 19.85 26.45
CA PRO A 993 -4.90 21.18 25.96
C PRO A 993 -4.66 22.13 27.15
N SER A 994 -5.45 21.97 28.22
CA SER A 994 -5.44 22.84 29.42
C SER A 994 -4.10 22.72 30.17
N ALA A 995 -3.42 21.57 30.09
CA ALA A 995 -2.08 21.36 30.67
C ALA A 995 -1.05 22.33 30.08
N ALA A 996 -1.21 22.74 28.80
CA ALA A 996 -0.27 23.66 28.11
C ALA A 996 -0.89 25.06 27.96
N GLY A 997 -1.91 25.37 28.78
CA GLY A 997 -2.58 26.68 28.85
C GLY A 997 -3.53 26.94 27.69
N ILE A 998 -4.00 25.90 26.99
CA ILE A 998 -4.87 26.02 25.79
C ILE A 998 -6.29 25.61 26.17
N ASN A 999 -7.25 26.47 25.85
CA ASN A 999 -8.70 26.16 25.78
C ASN A 999 -9.12 26.28 24.31
N LEU A 1000 -9.45 25.16 23.68
CA LEU A 1000 -9.82 25.11 22.24
C LEU A 1000 -11.26 25.64 22.04
N MET A 1001 -12.04 25.80 23.12
CA MET A 1001 -13.41 26.37 23.05
C MET A 1001 -13.35 27.90 23.00
N ILE A 1002 -12.31 28.53 23.56
CA ILE A 1002 -12.05 30.01 23.48
C ILE A 1002 -11.28 30.30 22.18
N ASP A 1003 -11.85 31.16 21.32
CA ASP A 1003 -11.21 31.64 20.05
C ASP A 1003 -9.93 32.42 20.38
N TYR A 1004 -8.92 32.31 19.53
CA TYR A 1004 -7.53 32.84 19.72
C TYR A 1004 -7.33 34.10 18.86
C1 A1BK0 B . -8.60 -17.97 8.77
C2 A1BK0 B . -9.51 -17.61 7.60
C8 A1BK0 B . -6.28 -16.83 3.99
C11 A1BK0 B . -4.79 -18.62 3.15
C12 A1BK0 B . -4.19 -17.93 2.11
C13 A1BK0 B . -3.24 -18.55 1.32
C14 A1BK0 B . -2.87 -19.85 1.55
C15 A1BK0 B . -3.44 -20.54 2.59
C16 A1BK0 B . -4.41 -19.94 3.38
C21 A1BK0 B . -1.07 -21.36 4.63
C22 A1BK0 B . -10.03 -14.73 6.63
N3 A1BK0 B . -8.75 -16.92 6.53
C4 A1BK0 B . -9.00 -15.68 6.10
C5 A1BK0 B . -8.13 -15.42 5.11
C6 A1BK0 B . -7.35 -16.57 4.97
N7 A1BK0 B . -7.79 -17.41 5.85
O9 A1BK0 B . -5.93 -15.97 3.18
N10 A1BK0 B . -5.79 -18.07 4.00
N17 A1BK0 B . -3.08 -21.85 2.87
S18 A1BK0 B . -1.53 -22.30 3.15
O19 A1BK0 B . -1.57 -23.68 3.56
O20 A1BK0 B . -0.81 -21.95 2.00
PB ADP C . -1.51 -13.23 -19.54
O1B ADP C . -0.78 -14.23 -20.42
O2B ADP C . -1.12 -11.78 -19.84
O3B ADP C . -1.42 -13.57 -18.08
PA ADP C . -4.46 -13.22 -19.16
O1A ADP C . -4.78 -14.57 -18.62
O2A ADP C . -4.28 -12.11 -18.19
O3A ADP C . -3.09 -13.35 -20.01
O5' ADP C . -5.56 -12.73 -20.23
C5' ADP C . -5.98 -13.62 -21.31
C4' ADP C . -7.15 -13.00 -22.05
O4' ADP C . -8.27 -12.87 -21.13
C3' ADP C . -6.92 -11.60 -22.66
O3' ADP C . -7.41 -11.44 -23.99
C2' ADP C . -7.72 -10.70 -21.72
O2' ADP C . -8.14 -9.50 -22.32
C1' ADP C . -8.88 -11.62 -21.33
N9 ADP C . -9.52 -11.16 -20.12
C8 ADP C . -8.99 -11.20 -18.84
N7 ADP C . -9.76 -10.62 -17.95
C5 ADP C . -10.82 -10.13 -18.68
C6 ADP C . -11.97 -9.40 -18.30
N6 ADP C . -12.21 -9.00 -17.05
N1 ADP C . -12.83 -9.04 -19.29
C2 ADP C . -12.58 -9.44 -20.54
N3 ADP C . -11.54 -10.13 -21.01
C4 ADP C . -10.69 -10.45 -20.02
MG MG D . -0.72 -12.38 -16.52
S SO4 E . -0.40 -7.20 0.96
O1 SO4 E . 0.22 -6.71 2.16
O2 SO4 E . 0.60 -7.56 0.00
O3 SO4 E . -1.17 -8.37 1.28
O4 SO4 E . -1.25 -6.18 0.39
S SO4 F . -9.45 20.64 28.50
O1 SO4 F . -10.11 19.64 27.68
O2 SO4 F . -10.39 21.66 28.82
O3 SO4 F . -8.94 20.05 29.70
O4 SO4 F . -8.36 21.23 27.76
S SO4 G . -2.29 4.39 -8.54
O1 SO4 G . -2.17 4.25 -7.12
O2 SO4 G . -1.64 5.62 -8.96
O3 SO4 G . -1.68 3.26 -9.20
O4 SO4 G . -3.70 4.47 -8.89
S SO4 H . 24.44 -7.53 9.08
O1 SO4 H . 25.51 -6.81 8.43
O2 SO4 H . 23.39 -7.79 8.12
O3 SO4 H . 24.93 -8.77 9.61
O4 SO4 H . 23.91 -6.73 10.15
C1 EDO I . -7.75 25.88 -3.98
O1 EDO I . -9.11 25.62 -4.22
C2 EDO I . -6.86 24.97 -4.74
O2 EDO I . -7.48 24.45 -5.90
C1 EDO J . -4.32 18.22 22.57
O1 EDO J . -4.88 16.93 22.83
C2 EDO J . -4.37 18.65 21.14
O2 EDO J . -5.67 18.69 20.57
C1 EDO K . -22.20 7.08 -2.86
O1 EDO K . -22.90 5.98 -2.30
C2 EDO K . -21.05 7.59 -2.04
O2 EDO K . -19.80 6.99 -2.39
C1 EDO L . -2.68 -31.41 5.47
O1 EDO L . -1.52 -31.86 4.78
C2 EDO L . -2.63 -31.57 6.95
O2 EDO L . -1.71 -30.70 7.59
C1 EDO M . 15.10 -18.93 14.81
O1 EDO M . 16.05 -19.44 13.88
C2 EDO M . 14.83 -17.46 14.69
O2 EDO M . 14.86 -16.95 13.36
C1 EDO N . 4.27 -9.57 4.92
O1 EDO N . 3.70 -8.58 5.76
C2 EDO N . 5.23 -9.01 3.94
O2 EDO N . 6.11 -8.06 4.51
#